data_3LD9
#
_entry.id   3LD9
#
_cell.length_a   39.170
_cell.length_b   144.820
_cell.length_c   146.840
_cell.angle_alpha   90.00
_cell.angle_beta   90.00
_cell.angle_gamma   90.00
#
_symmetry.space_group_name_H-M   'P 21 21 21'
#
loop_
_entity.id
_entity.type
_entity.pdbx_description
1 polymer 'Thymidylate kinase'
2 non-polymer 'SULFATE ION'
3 non-polymer 1,2-ETHANEDIOL
4 water water
#
_entity_poly.entity_id   1
_entity_poly.type   'polypeptide(L)'
_entity_poly.pdbx_seq_one_letter_code
;MAHHHHHHMGTLEAQTQGPGSMFITFEGIDGSGKTTQSHLLAEYLSEIYGVNNVVLTREPGGTLLNESVRNLLFKAQGLD
SLSELLFFIAMRREHFVKIIKPSLMQKKIVICDRFIDSTIAYQGYGQGIDCSLIDQLNDLVIDVYPDITFIIDVDINESL
SRSCKNGYEFADMEFYYRVRDGFYDIAKKNPHRCHVITDKSETYDIDDINFVHLEVIKVLQMV
;
_entity_poly.pdbx_strand_id   A,B,C,D
#
loop_
_chem_comp.id
_chem_comp.type
_chem_comp.name
_chem_comp.formula
EDO non-polymer 1,2-ETHANEDIOL 'C2 H6 O2'
SO4 non-polymer 'SULFATE ION' 'O4 S -2'
#
# COMPACT_ATOMS: atom_id res chain seq x y z
N PRO A 19 -23.51 11.67 -4.82
CA PRO A 19 -24.90 11.47 -4.38
C PRO A 19 -25.16 11.92 -2.94
N GLY A 20 -24.25 11.62 -2.03
CA GLY A 20 -24.39 12.00 -0.62
C GLY A 20 -23.68 10.98 0.25
N SER A 21 -22.85 11.47 1.16
CA SER A 21 -22.07 10.57 1.97
C SER A 21 -23.00 9.77 2.89
N MET A 22 -22.68 8.51 3.05
CA MET A 22 -23.45 7.60 3.88
C MET A 22 -22.50 6.46 4.26
N PHE A 23 -22.33 6.26 5.56
CA PHE A 23 -21.39 5.26 6.06
C PHE A 23 -22.23 4.22 6.75
N ILE A 24 -22.26 3.01 6.21
CA ILE A 24 -23.10 1.91 6.71
C ILE A 24 -22.16 0.78 7.10
N THR A 25 -22.34 0.24 8.30
CA THR A 25 -21.60 -0.95 8.75
C THR A 25 -22.53 -2.12 9.05
N PHE A 26 -22.01 -3.32 8.82
CA PHE A 26 -22.64 -4.58 9.19
C PHE A 26 -21.84 -5.24 10.30
N GLU A 27 -22.57 -5.64 11.35
CA GLU A 27 -21.99 -6.20 12.55
C GLU A 27 -22.79 -7.38 13.04
N GLY A 28 -22.15 -8.12 13.95
CA GLY A 28 -22.74 -9.32 14.56
C GLY A 28 -21.74 -10.44 14.62
N ILE A 29 -22.11 -11.53 15.30
CA ILE A 29 -21.20 -12.66 15.52
C ILE A 29 -20.95 -13.36 14.19
N ASP A 30 -19.87 -14.13 14.11
CA ASP A 30 -19.47 -14.78 12.85
C ASP A 30 -20.44 -15.89 12.54
N GLY A 31 -20.83 -16.03 11.27
CA GLY A 31 -21.84 -17.02 10.88
C GLY A 31 -23.24 -16.43 10.86
N SER A 32 -23.32 -15.15 11.19
CA SER A 32 -24.55 -14.38 11.27
C SER A 32 -25.07 -13.88 9.92
N GLY A 33 -24.25 -13.94 8.87
CA GLY A 33 -24.64 -13.43 7.56
C GLY A 33 -24.25 -11.97 7.28
N LYS A 34 -23.37 -11.38 8.10
CA LYS A 34 -22.92 -10.00 7.86
C LYS A 34 -22.38 -9.76 6.45
N THR A 35 -21.52 -10.69 6.02
CA THR A 35 -20.83 -10.57 4.75
C THR A 35 -21.80 -10.62 3.60
N THR A 36 -22.72 -11.61 3.65
CA THR A 36 -23.76 -11.77 2.61
C THR A 36 -24.64 -10.53 2.54
N GLN A 37 -25.12 -10.07 3.70
CA GLN A 37 -25.98 -8.91 3.77
C GLN A 37 -25.26 -7.68 3.27
N SER A 38 -23.96 -7.57 3.56
CA SER A 38 -23.21 -6.43 3.08
C SER A 38 -23.11 -6.45 1.55
N HIS A 39 -22.88 -7.62 0.96
CA HIS A 39 -22.84 -7.78 -0.52
C HIS A 39 -24.18 -7.45 -1.17
N LEU A 40 -25.25 -7.93 -0.56
CA LEU A 40 -26.60 -7.72 -1.09
C LEU A 40 -26.98 -6.24 -1.08
N LEU A 41 -26.71 -5.55 0.02
CA LEU A 41 -26.99 -4.13 0.08
C LEU A 41 -26.13 -3.34 -0.94
N ALA A 42 -24.87 -3.76 -1.11
CA ALA A 42 -23.97 -3.13 -2.10
C ALA A 42 -24.55 -3.23 -3.53
N GLU A 43 -25.09 -4.38 -3.86
CA GLU A 43 -25.73 -4.57 -5.14
C GLU A 43 -26.98 -3.69 -5.23
N TYR A 44 -27.81 -3.76 -4.19
CA TYR A 44 -29.04 -2.98 -4.14
C TYR A 44 -28.79 -1.45 -4.34
N LEU A 45 -27.82 -0.91 -3.60
CA LEU A 45 -27.51 0.51 -3.68
C LEU A 45 -26.72 0.88 -4.96
N SER A 46 -25.93 -0.04 -5.50
CA SER A 46 -25.22 0.20 -6.78
C SER A 46 -26.14 0.39 -7.96
N GLU A 47 -27.21 -0.41 -7.97
CA GLU A 47 -28.22 -0.33 -9.02
C GLU A 47 -28.91 1.02 -9.03
N ILE A 48 -29.17 1.55 -7.84
CA ILE A 48 -29.85 2.82 -7.68
C ILE A 48 -28.90 3.99 -7.93
N TYR A 49 -27.72 3.97 -7.30
CA TYR A 49 -26.83 5.14 -7.29
C TYR A 49 -25.62 5.05 -8.24
N GLY A 50 -25.40 3.87 -8.81
CA GLY A 50 -24.26 3.65 -9.71
C GLY A 50 -23.10 3.01 -8.98
N VAL A 51 -22.44 2.07 -9.65
CA VAL A 51 -21.36 1.29 -9.05
C VAL A 51 -20.23 2.16 -8.54
N ASN A 52 -19.97 3.28 -9.21
CA ASN A 52 -18.86 4.18 -8.84
C ASN A 52 -19.07 4.86 -7.49
N ASN A 53 -20.33 4.93 -7.06
CA ASN A 53 -20.71 5.68 -5.91
C ASN A 53 -20.97 4.83 -4.67
N VAL A 54 -20.62 3.54 -4.77
CA VAL A 54 -20.78 2.59 -3.66
C VAL A 54 -19.47 1.84 -3.48
N VAL A 55 -18.92 1.95 -2.28
CA VAL A 55 -17.64 1.36 -1.95
C VAL A 55 -17.91 0.26 -0.94
N LEU A 56 -17.65 -0.98 -1.31
CA LEU A 56 -17.83 -2.12 -0.41
C LEU A 56 -16.46 -2.48 0.13
N THR A 57 -16.33 -2.58 1.45
CA THR A 57 -15.06 -2.87 2.08
C THR A 57 -15.31 -3.72 3.34
N ARG A 58 -14.25 -4.07 4.06
CA ARG A 58 -14.34 -4.93 5.19
C ARG A 58 -13.12 -4.79 6.10
N GLU A 59 -13.28 -5.18 7.35
CA GLU A 59 -12.18 -5.26 8.29
C GLU A 59 -12.22 -6.65 8.94
N PRO A 60 -11.08 -7.14 9.42
CA PRO A 60 -9.77 -6.53 9.18
C PRO A 60 -9.37 -6.74 7.72
N GLY A 61 -9.01 -5.66 7.04
CA GLY A 61 -8.68 -5.66 5.63
C GLY A 61 -8.90 -4.27 5.03
N GLY A 62 -9.21 -4.22 3.75
CA GLY A 62 -9.53 -2.95 3.15
C GLY A 62 -8.43 -2.31 2.33
N THR A 63 -7.17 -2.61 2.66
CA THR A 63 -6.01 -2.17 1.88
C THR A 63 -5.11 -3.38 1.64
N LEU A 64 -4.22 -3.31 0.65
CA LEU A 64 -3.30 -4.39 0.41
C LEU A 64 -2.49 -4.73 1.68
N LEU A 65 -1.99 -3.71 2.39
CA LEU A 65 -1.24 -4.00 3.64
C LEU A 65 -2.10 -4.73 4.63
N ASN A 66 -3.32 -4.23 4.86
CA ASN A 66 -4.20 -4.82 5.86
C ASN A 66 -4.59 -6.26 5.53
N GLU A 67 -4.79 -6.53 4.23
CA GLU A 67 -5.10 -7.87 3.80
CA GLU A 67 -5.08 -7.87 3.77
C GLU A 67 -3.92 -8.79 4.07
N SER A 68 -2.70 -8.32 3.76
CA SER A 68 -1.52 -9.15 4.03
C SER A 68 -1.30 -9.38 5.53
N VAL A 69 -1.48 -8.33 6.33
CA VAL A 69 -1.37 -8.47 7.78
C VAL A 69 -2.47 -9.41 8.29
N ARG A 70 -3.68 -9.29 7.76
CA ARG A 70 -4.78 -10.21 8.16
C ARG A 70 -4.42 -11.69 7.93
N ASN A 71 -3.74 -11.99 6.83
CA ASN A 71 -3.37 -13.38 6.53
C ASN A 71 -2.34 -13.90 7.49
N LEU A 72 -1.35 -13.05 7.85
CA LEU A 72 -0.43 -13.36 8.94
C LEU A 72 -1.14 -13.66 10.24
N LEU A 73 -2.06 -12.78 10.61
CA LEU A 73 -2.70 -12.92 11.93
C LEU A 73 -3.49 -14.21 11.93
N PHE A 74 -4.06 -14.56 10.79
CA PHE A 74 -4.87 -15.75 10.67
C PHE A 74 -4.07 -17.04 10.88
N LYS A 75 -2.73 -16.99 10.83
CA LYS A 75 -1.88 -18.13 11.13
C LYS A 75 -1.15 -17.93 12.44
N ALA A 76 -1.47 -16.89 13.20
CA ALA A 76 -0.72 -16.63 14.42
C ALA A 76 -1.25 -17.55 15.53
N GLN A 77 -0.37 -18.31 16.16
CA GLN A 77 -0.84 -19.19 17.22
C GLN A 77 -0.75 -18.50 18.61
N GLY A 78 -1.88 -18.28 19.28
CA GLY A 78 -1.91 -17.85 20.68
C GLY A 78 -1.49 -16.40 20.85
N LEU A 79 -1.86 -15.56 19.88
CA LEU A 79 -1.60 -14.11 19.97
C LEU A 79 -2.24 -13.48 21.21
N ASP A 80 -1.46 -12.69 21.94
CA ASP A 80 -1.95 -11.97 23.14
C ASP A 80 -3.14 -11.12 22.73
N SER A 81 -4.21 -11.15 23.51
CA SER A 81 -5.44 -10.48 23.09
C SER A 81 -5.24 -8.96 22.98
N LEU A 82 -4.42 -8.36 23.85
CA LEU A 82 -4.15 -6.92 23.74
C LEU A 82 -3.35 -6.59 22.47
N SER A 83 -2.37 -7.41 22.12
CA SER A 83 -1.67 -7.26 20.87
C SER A 83 -2.64 -7.30 19.71
N GLU A 84 -3.55 -8.28 19.74
CA GLU A 84 -4.46 -8.47 18.62
C GLU A 84 -5.37 -7.25 18.46
N LEU A 85 -5.88 -6.75 19.57
CA LEU A 85 -6.66 -5.51 19.54
C LEU A 85 -5.86 -4.38 18.86
N LEU A 86 -4.61 -4.20 19.25
CA LEU A 86 -3.83 -3.09 18.73
C LEU A 86 -3.54 -3.29 17.24
N PHE A 87 -3.35 -4.53 16.80
CA PHE A 87 -3.16 -4.73 15.35
C PHE A 87 -4.42 -4.29 14.64
N PHE A 88 -5.58 -4.65 15.16
CA PHE A 88 -6.85 -4.28 14.51
C PHE A 88 -7.09 -2.78 14.51
N ILE A 89 -6.63 -2.09 15.55
CA ILE A 89 -6.80 -0.65 15.65
C ILE A 89 -5.84 0.04 14.65
N ALA A 90 -4.61 -0.43 14.54
CA ALA A 90 -3.68 0.05 13.52
C ALA A 90 -4.22 -0.12 12.07
N MET A 91 -4.79 -1.27 11.80
CA MET A 91 -5.34 -1.57 10.45
C MET A 91 -6.54 -0.68 10.18
N ARG A 92 -7.36 -0.48 11.21
CA ARG A 92 -8.54 0.42 11.16
C ARG A 92 -8.12 1.84 10.80
N ARG A 93 -7.05 2.32 11.41
CA ARG A 93 -6.50 3.63 11.08
C ARG A 93 -6.12 3.70 9.61
N GLU A 94 -5.36 2.74 9.14
CA GLU A 94 -4.99 2.68 7.73
C GLU A 94 -6.21 2.70 6.80
N HIS A 95 -7.17 1.85 7.12
CA HIS A 95 -8.37 1.68 6.34
C HIS A 95 -9.21 2.95 6.33
N PHE A 96 -9.34 3.56 7.50
CA PHE A 96 -10.11 4.77 7.60
C PHE A 96 -9.51 5.90 6.77
N VAL A 97 -8.20 6.09 6.90
CA VAL A 97 -7.54 7.21 6.23
C VAL A 97 -7.43 6.98 4.70
N LYS A 98 -7.17 5.75 4.27
CA LYS A 98 -6.97 5.49 2.86
C LYS A 98 -8.26 5.26 2.08
N ILE A 99 -9.26 4.62 2.69
CA ILE A 99 -10.43 4.16 1.94
C ILE A 99 -11.68 4.83 2.45
N ILE A 100 -12.00 4.68 3.72
CA ILE A 100 -13.32 5.12 4.17
C ILE A 100 -13.51 6.66 4.10
N LYS A 101 -12.59 7.41 4.69
CA LYS A 101 -12.75 8.87 4.76
C LYS A 101 -12.70 9.52 3.37
N PRO A 102 -11.75 9.13 2.51
CA PRO A 102 -11.80 9.77 1.21
C PRO A 102 -13.06 9.45 0.38
N SER A 103 -13.65 8.27 0.55
CA SER A 103 -14.85 7.96 -0.22
C SER A 103 -16.03 8.83 0.24
N LEU A 104 -16.12 9.06 1.55
CA LEU A 104 -17.18 9.89 2.11
C LEU A 104 -16.96 11.38 1.77
N MET A 105 -15.71 11.78 1.61
CA MET A 105 -15.37 13.14 1.18
C MET A 105 -15.83 13.39 -0.23
N GLN A 106 -15.82 12.33 -1.04
CA GLN A 106 -16.32 12.36 -2.41
C GLN A 106 -17.82 12.11 -2.46
N LYS A 107 -18.46 12.11 -1.30
CA LYS A 107 -19.90 12.05 -1.22
C LYS A 107 -20.46 10.68 -1.61
N LYS A 108 -19.65 9.61 -1.46
CA LYS A 108 -20.06 8.24 -1.82
C LYS A 108 -20.66 7.51 -0.64
N ILE A 109 -21.29 6.38 -0.94
CA ILE A 109 -21.80 5.48 0.09
C ILE A 109 -20.71 4.41 0.39
N VAL A 110 -20.34 4.29 1.65
CA VAL A 110 -19.42 3.24 2.07
C VAL A 110 -20.16 2.19 2.90
N ILE A 111 -19.98 0.93 2.53
CA ILE A 111 -20.50 -0.20 3.30
C ILE A 111 -19.32 -1.00 3.83
N CYS A 112 -19.17 -1.09 5.15
CA CYS A 112 -18.09 -1.85 5.75
C CYS A 112 -18.58 -3.04 6.51
N ASP A 113 -18.10 -4.22 6.11
CA ASP A 113 -18.37 -5.50 6.74
C ASP A 113 -17.39 -5.69 7.92
N ARG A 114 -17.92 -5.53 9.14
CA ARG A 114 -17.16 -5.47 10.41
C ARG A 114 -16.45 -4.13 10.63
N PHE A 115 -16.59 -3.55 11.81
CA PHE A 115 -16.00 -2.26 12.13
C PHE A 115 -15.88 -2.14 13.64
N ILE A 116 -16.05 -0.92 14.18
CA ILE A 116 -15.77 -0.64 15.57
C ILE A 116 -16.58 -1.47 16.57
N ASP A 117 -17.79 -1.90 16.22
CA ASP A 117 -18.59 -2.63 17.21
C ASP A 117 -18.12 -4.09 17.36
N SER A 118 -17.63 -4.71 16.29
CA SER A 118 -17.00 -6.03 16.43
C SER A 118 -15.89 -6.01 17.48
N THR A 119 -15.13 -4.93 17.51
CA THR A 119 -13.98 -4.84 18.42
C THR A 119 -14.40 -4.80 19.86
N ILE A 120 -15.45 -4.04 20.17
CA ILE A 120 -16.03 -4.04 21.53
C ILE A 120 -16.58 -5.43 21.91
N ALA A 121 -17.34 -6.02 21.00
CA ALA A 121 -17.93 -7.32 21.28
C ALA A 121 -16.89 -8.42 21.44
N TYR A 122 -15.92 -8.51 20.53
CA TYR A 122 -14.94 -9.57 20.59
C TYR A 122 -13.81 -9.26 21.57
N GLN A 123 -13.13 -8.12 21.41
CA GLN A 123 -11.95 -7.84 22.26
C GLN A 123 -12.36 -7.46 23.69
N GLY A 124 -13.50 -6.80 23.81
CA GLY A 124 -13.97 -6.32 25.10
C GLY A 124 -14.78 -7.35 25.90
N TYR A 125 -15.95 -7.69 25.40
CA TYR A 125 -16.78 -8.68 26.11
C TYR A 125 -16.17 -10.07 26.03
N GLY A 126 -15.81 -10.49 24.81
CA GLY A 126 -15.18 -11.79 24.60
C GLY A 126 -13.91 -12.00 25.42
N GLN A 127 -12.90 -11.19 25.14
CA GLN A 127 -11.57 -11.33 25.74
C GLN A 127 -11.38 -10.57 27.07
N GLY A 128 -12.33 -9.74 27.47
CA GLY A 128 -12.25 -9.07 28.78
C GLY A 128 -11.48 -7.76 28.80
N ILE A 129 -11.13 -7.24 27.64
CA ILE A 129 -10.38 -5.99 27.60
C ILE A 129 -11.34 -4.83 27.89
N ASP A 130 -10.83 -3.88 28.65
CA ASP A 130 -11.58 -2.69 29.03
C ASP A 130 -12.28 -2.00 27.85
N CYS A 131 -13.60 -2.03 27.85
CA CYS A 131 -14.39 -1.36 26.82
C CYS A 131 -14.10 0.13 26.68
N SER A 132 -13.79 0.82 27.78
CA SER A 132 -13.52 2.24 27.71
C SER A 132 -12.23 2.49 26.96
N LEU A 133 -11.22 1.62 27.15
CA LEU A 133 -9.99 1.70 26.36
C LEU A 133 -10.25 1.52 24.87
N ILE A 134 -11.10 0.55 24.54
CA ILE A 134 -11.43 0.24 23.15
C ILE A 134 -12.20 1.39 22.53
N ASP A 135 -13.14 1.99 23.28
CA ASP A 135 -13.78 3.22 22.81
C ASP A 135 -12.76 4.34 22.48
N GLN A 136 -11.80 4.53 23.39
CA GLN A 136 -10.78 5.55 23.22
C GLN A 136 -9.91 5.27 21.98
N LEU A 137 -9.50 4.00 21.80
CA LEU A 137 -8.66 3.61 20.69
C LEU A 137 -9.38 3.82 19.35
N ASN A 138 -10.65 3.43 19.29
CA ASN A 138 -11.48 3.70 18.13
C ASN A 138 -11.63 5.20 17.87
N ASP A 139 -11.91 6.01 18.89
CA ASP A 139 -12.05 7.44 18.64
C ASP A 139 -10.73 8.09 18.27
N LEU A 140 -9.63 7.49 18.72
CA LEU A 140 -8.32 7.95 18.36
C LEU A 140 -8.12 7.78 16.86
N VAL A 141 -8.63 6.70 16.28
CA VAL A 141 -8.31 6.37 14.87
C VAL A 141 -9.31 6.78 13.82
N ILE A 142 -10.53 7.11 14.20
CA ILE A 142 -11.54 7.56 13.23
C ILE A 142 -12.17 8.87 13.69
N ASP A 143 -12.62 9.69 12.75
CA ASP A 143 -13.31 10.94 13.08
C ASP A 143 -14.71 11.09 12.41
N VAL A 144 -15.19 10.00 11.83
CA VAL A 144 -16.53 9.91 11.30
C VAL A 144 -17.07 8.53 11.72
N TYR A 145 -18.17 8.50 12.46
CA TYR A 145 -18.79 7.25 12.87
C TYR A 145 -19.84 6.78 11.85
N PRO A 146 -20.19 5.49 11.84
CA PRO A 146 -21.24 5.07 10.92
C PRO A 146 -22.56 5.81 11.14
N ASP A 147 -23.21 6.15 10.03
CA ASP A 147 -24.56 6.73 10.07
C ASP A 147 -25.58 5.67 10.45
N ILE A 148 -25.37 4.43 10.03
CA ILE A 148 -26.31 3.35 10.28
C ILE A 148 -25.52 2.09 10.42
N THR A 149 -25.80 1.30 11.46
CA THR A 149 -25.13 0.02 11.70
C THR A 149 -26.18 -1.07 11.86
N PHE A 150 -26.12 -2.09 11.01
CA PHE A 150 -27.00 -3.25 11.10
C PHE A 150 -26.33 -4.35 11.89
N ILE A 151 -26.89 -4.68 13.04
CA ILE A 151 -26.41 -5.79 13.84
C ILE A 151 -27.30 -6.98 13.53
N ILE A 152 -26.77 -7.95 12.79
CA ILE A 152 -27.57 -9.13 12.39
C ILE A 152 -27.68 -10.20 13.50
N ASP A 153 -28.87 -10.42 14.05
CA ASP A 153 -29.03 -11.28 15.22
C ASP A 153 -29.47 -12.71 14.87
N VAL A 154 -28.59 -13.69 15.13
CA VAL A 154 -28.94 -15.09 15.02
C VAL A 154 -29.94 -15.45 16.13
N ASP A 155 -31.13 -15.90 15.72
CA ASP A 155 -32.10 -16.48 16.66
C ASP A 155 -31.40 -17.54 17.49
N ASP A 172 -15.41 -22.31 22.83
CA ASP A 172 -16.14 -22.26 24.09
C ASP A 172 -17.40 -21.42 23.94
N MET A 173 -18.49 -21.86 24.59
CA MET A 173 -19.80 -21.22 24.44
C MET A 173 -19.99 -19.98 25.31
N GLU A 174 -19.35 -19.95 26.49
CA GLU A 174 -19.43 -18.77 27.38
C GLU A 174 -18.84 -17.56 26.67
N PHE A 175 -17.73 -17.76 25.96
CA PHE A 175 -17.16 -16.73 25.09
C PHE A 175 -18.18 -16.27 24.04
N TYR A 176 -18.76 -17.21 23.32
CA TYR A 176 -19.80 -16.86 22.34
C TYR A 176 -20.91 -16.03 22.96
N TYR A 177 -21.36 -16.43 24.14
CA TYR A 177 -22.49 -15.73 24.73
C TYR A 177 -22.11 -14.35 25.24
N ARG A 178 -20.88 -14.16 25.72
CA ARG A 178 -20.41 -12.82 26.09
C ARG A 178 -20.40 -11.88 24.89
N VAL A 179 -19.91 -12.37 23.76
CA VAL A 179 -19.87 -11.60 22.52
C VAL A 179 -21.27 -11.15 22.12
N ARG A 180 -22.23 -12.07 22.20
CA ARG A 180 -23.61 -11.78 21.87
C ARG A 180 -24.14 -10.70 22.79
N ASP A 181 -23.87 -10.84 24.09
CA ASP A 181 -24.24 -9.80 25.04
C ASP A 181 -23.65 -8.45 24.66
N GLY A 182 -22.39 -8.44 24.26
CA GLY A 182 -21.73 -7.21 23.80
C GLY A 182 -22.45 -6.49 22.65
N PHE A 183 -22.83 -7.23 21.64
CA PHE A 183 -23.63 -6.65 20.57
C PHE A 183 -24.96 -6.06 21.05
N TYR A 184 -25.63 -6.70 22.01
CA TYR A 184 -26.90 -6.18 22.51
C TYR A 184 -26.72 -4.90 23.31
N ASP A 185 -25.71 -4.88 24.18
CA ASP A 185 -25.39 -3.66 24.93
C ASP A 185 -25.02 -2.49 24.03
N ILE A 186 -24.27 -2.76 22.96
CA ILE A 186 -23.93 -1.68 22.01
C ILE A 186 -25.22 -1.12 21.37
N ALA A 187 -26.14 -2.02 21.01
CA ALA A 187 -27.40 -1.63 20.42
C ALA A 187 -28.19 -0.76 21.40
N LYS A 188 -28.28 -1.20 22.66
CA LYS A 188 -28.94 -0.42 23.72
C LYS A 188 -28.23 0.91 23.98
N LYS A 189 -26.90 0.93 23.97
CA LYS A 189 -26.16 2.19 24.19
C LYS A 189 -26.14 3.11 22.96
N ASN A 190 -26.48 2.60 21.78
CA ASN A 190 -26.44 3.41 20.55
C ASN A 190 -27.71 3.27 19.68
N PRO A 191 -28.88 3.61 20.24
CA PRO A 191 -30.12 3.39 19.53
C PRO A 191 -30.32 4.21 18.24
N HIS A 192 -29.69 5.39 18.18
N HIS A 192 -29.67 5.38 18.14
CA HIS A 192 -29.72 6.23 16.98
CA HIS A 192 -29.82 6.21 16.95
C HIS A 192 -29.07 5.51 15.80
C HIS A 192 -28.91 5.77 15.80
N ARG A 193 -27.92 4.92 16.08
CA ARG A 193 -27.03 4.44 15.04
C ARG A 193 -27.35 2.99 14.66
N CYS A 194 -27.60 2.14 15.66
CA CYS A 194 -27.61 0.70 15.49
C CYS A 194 -29.02 0.20 15.34
N HIS A 195 -29.17 -0.86 14.56
CA HIS A 195 -30.45 -1.49 14.36
C HIS A 195 -30.25 -2.99 14.41
N VAL A 196 -30.86 -3.63 15.40
CA VAL A 196 -30.77 -5.07 15.52
C VAL A 196 -31.81 -5.67 14.60
N ILE A 197 -31.36 -6.52 13.68
CA ILE A 197 -32.23 -7.20 12.74
C ILE A 197 -32.20 -8.68 13.08
N THR A 198 -33.35 -9.22 13.44
CA THR A 198 -33.45 -10.63 13.76
C THR A 198 -33.51 -11.43 12.46
N ASP A 199 -33.03 -12.67 12.50
CA ASP A 199 -32.83 -13.47 11.29
C ASP A 199 -33.97 -14.40 10.95
N LYS A 200 -35.13 -14.23 11.58
CA LYS A 200 -36.26 -15.14 11.38
C LYS A 200 -37.55 -14.37 11.10
N SER A 201 -38.17 -14.67 9.96
CA SER A 201 -39.48 -14.09 9.60
C SER A 201 -40.59 -14.66 10.50
N GLU A 202 -41.25 -13.78 11.26
CA GLU A 202 -42.23 -14.23 12.27
C GLU A 202 -43.66 -14.32 11.74
N THR A 203 -43.96 -13.65 10.63
CA THR A 203 -45.31 -13.73 10.07
C THR A 203 -45.34 -14.40 8.68
N TYR A 204 -44.38 -14.09 7.81
CA TYR A 204 -44.34 -14.66 6.46
C TYR A 204 -43.34 -15.82 6.32
N ASP A 205 -43.61 -16.74 5.40
CA ASP A 205 -42.67 -17.81 5.06
C ASP A 205 -41.65 -17.31 4.03
N ILE A 206 -40.54 -16.76 4.52
CA ILE A 206 -39.50 -16.22 3.68
C ILE A 206 -38.17 -16.76 4.19
N ASP A 207 -37.37 -17.30 3.28
CA ASP A 207 -35.98 -17.67 3.54
C ASP A 207 -35.27 -16.55 4.33
N ASP A 208 -34.47 -16.94 5.33
CA ASP A 208 -33.78 -16.01 6.23
C ASP A 208 -32.91 -14.90 5.59
N ILE A 209 -32.19 -15.24 4.52
CA ILE A 209 -31.28 -14.30 3.86
C ILE A 209 -32.08 -13.15 3.21
N ASN A 210 -33.14 -13.50 2.49
CA ASN A 210 -34.02 -12.50 1.88
C ASN A 210 -34.74 -11.69 2.95
N PHE A 211 -35.23 -12.36 4.00
CA PHE A 211 -35.91 -11.64 5.08
C PHE A 211 -35.06 -10.55 5.69
N VAL A 212 -33.82 -10.90 6.03
CA VAL A 212 -32.94 -9.96 6.69
C VAL A 212 -32.66 -8.78 5.74
N HIS A 213 -32.40 -9.11 4.48
CA HIS A 213 -32.14 -8.09 3.45
C HIS A 213 -33.31 -7.12 3.31
N LEU A 214 -34.53 -7.64 3.29
CA LEU A 214 -35.71 -6.78 3.21
C LEU A 214 -35.80 -5.88 4.46
N GLU A 215 -35.48 -6.42 5.63
CA GLU A 215 -35.43 -5.58 6.85
C GLU A 215 -34.38 -4.49 6.79
N VAL A 216 -33.23 -4.81 6.20
CA VAL A 216 -32.14 -3.82 6.01
C VAL A 216 -32.59 -2.67 5.10
N ILE A 217 -33.21 -3.03 3.98
CA ILE A 217 -33.74 -2.03 3.06
C ILE A 217 -34.81 -1.19 3.75
N LYS A 218 -35.63 -1.85 4.58
CA LYS A 218 -36.71 -1.15 5.33
C LYS A 218 -36.19 -0.04 6.25
N VAL A 219 -35.14 -0.33 7.02
CA VAL A 219 -34.50 0.70 7.83
C VAL A 219 -34.05 1.92 7.01
N LEU A 220 -33.55 1.70 5.80
CA LEU A 220 -33.10 2.84 4.97
C LEU A 220 -34.20 3.87 4.56
N GLN A 221 -35.47 3.50 4.56
CA GLN A 221 -36.58 4.46 4.25
C GLN A 221 -36.80 5.49 5.36
N PRO B 19 20.75 -16.21 35.98
CA PRO B 19 21.69 -15.37 36.71
C PRO B 19 21.07 -14.20 37.47
N GLY B 20 19.87 -13.75 37.04
CA GLY B 20 19.17 -12.64 37.70
C GLY B 20 18.77 -11.71 36.58
N SER B 21 17.54 -11.24 36.61
CA SER B 21 17.06 -10.61 35.39
C SER B 21 17.78 -9.26 35.29
N MET B 22 18.10 -8.89 34.06
CA MET B 22 18.49 -7.57 33.73
C MET B 22 17.92 -7.25 32.35
N PHE B 23 17.42 -6.04 32.17
CA PHE B 23 16.78 -5.64 30.92
C PHE B 23 17.50 -4.40 30.43
N ILE B 24 18.26 -4.60 29.34
CA ILE B 24 19.14 -3.56 28.80
C ILE B 24 18.61 -3.16 27.43
N THR B 25 18.55 -1.86 27.13
CA THR B 25 18.15 -1.48 25.79
C THR B 25 19.20 -0.54 25.20
N PHE B 26 19.30 -0.62 23.87
CA PHE B 26 20.07 0.33 23.08
C PHE B 26 19.16 1.19 22.24
N GLU B 27 19.51 2.47 22.17
CA GLU B 27 18.72 3.47 21.50
C GLU B 27 19.61 4.46 20.77
N GLY B 28 18.96 5.25 19.92
CA GLY B 28 19.62 6.27 19.11
C GLY B 28 19.12 6.23 17.70
N ILE B 29 19.68 7.13 16.89
CA ILE B 29 19.35 7.24 15.46
C ILE B 29 19.95 6.11 14.64
N ASP B 30 19.25 5.77 13.56
CA ASP B 30 19.70 4.74 12.63
CA ASP B 30 19.71 4.77 12.61
C ASP B 30 21.11 5.15 12.18
N GLY B 31 22.00 4.18 12.04
CA GLY B 31 23.39 4.50 11.71
C GLY B 31 24.29 4.91 12.86
N SER B 32 23.73 5.04 14.06
CA SER B 32 24.54 5.44 15.24
C SER B 32 25.39 4.30 15.79
N GLY B 33 25.14 3.07 15.34
CA GLY B 33 25.92 1.92 15.81
C GLY B 33 25.26 1.15 16.96
N LYS B 34 24.02 1.52 17.32
CA LYS B 34 23.19 0.76 18.25
C LYS B 34 23.28 -0.74 18.10
N THR B 35 23.02 -1.20 16.88
CA THR B 35 22.94 -2.63 16.60
C THR B 35 24.29 -3.30 16.89
N THR B 36 25.37 -2.72 16.37
CA THR B 36 26.70 -3.25 16.60
C THR B 36 27.01 -3.32 18.11
N GLN B 37 26.69 -2.25 18.85
CA GLN B 37 26.94 -2.24 20.29
C GLN B 37 26.12 -3.29 21.02
N SER B 38 24.89 -3.51 20.57
CA SER B 38 24.02 -4.49 21.23
C SER B 38 24.59 -5.90 21.03
N HIS B 39 25.13 -6.16 19.85
CA HIS B 39 25.78 -7.45 19.61
C HIS B 39 27.07 -7.58 20.44
N LEU B 40 27.87 -6.53 20.50
CA LEU B 40 29.11 -6.58 21.28
C LEU B 40 28.84 -6.86 22.75
N LEU B 41 27.78 -6.24 23.30
CA LEU B 41 27.36 -6.51 24.67
C LEU B 41 26.86 -7.96 24.84
N ALA B 42 26.06 -8.43 23.88
CA ALA B 42 25.56 -9.82 23.93
C ALA B 42 26.70 -10.83 24.00
N GLU B 43 27.73 -10.64 23.18
CA GLU B 43 28.89 -11.55 23.16
C GLU B 43 29.66 -11.52 24.49
N TYR B 44 29.91 -10.30 25.00
CA TYR B 44 30.55 -10.08 26.31
C TYR B 44 29.78 -10.75 27.45
N LEU B 45 28.49 -10.47 27.55
CA LEU B 45 27.67 -11.04 28.62
C LEU B 45 27.50 -12.56 28.46
N SER B 46 27.43 -13.05 27.21
CA SER B 46 27.29 -14.48 26.95
C SER B 46 28.51 -15.28 27.43
N GLU B 47 29.69 -14.71 27.24
CA GLU B 47 30.92 -15.35 27.71
C GLU B 47 30.91 -15.50 29.24
N ILE B 48 30.26 -14.59 29.95
CA ILE B 48 30.26 -14.59 31.41
C ILE B 48 29.14 -15.45 32.00
N TYR B 49 27.94 -15.29 31.46
CA TYR B 49 26.73 -15.92 32.00
C TYR B 49 26.22 -17.13 31.22
N GLY B 50 26.75 -17.36 30.01
CA GLY B 50 26.34 -18.49 29.19
C GLY B 50 25.37 -18.03 28.12
N VAL B 51 25.56 -18.52 26.89
CA VAL B 51 24.71 -18.16 25.76
C VAL B 51 23.23 -18.32 26.05
N ASN B 52 22.85 -19.37 26.78
CA ASN B 52 21.44 -19.60 27.12
C ASN B 52 20.85 -18.57 28.09
N ASN B 53 21.69 -17.80 28.78
CA ASN B 53 21.20 -16.86 29.79
C ASN B 53 21.12 -15.42 29.30
N VAL B 54 21.45 -15.22 28.03
CA VAL B 54 21.47 -13.91 27.42
C VAL B 54 20.59 -13.93 26.18
N VAL B 55 19.61 -13.05 26.12
CA VAL B 55 18.68 -12.97 25.00
C VAL B 55 18.86 -11.64 24.27
N LEU B 56 19.36 -11.74 23.04
CA LEU B 56 19.56 -10.59 22.18
C LEU B 56 18.35 -10.50 21.26
N THR B 57 17.68 -9.35 21.25
CA THR B 57 16.48 -9.17 20.47
C THR B 57 16.37 -7.71 19.97
N ARG B 58 15.30 -7.40 19.24
CA ARG B 58 15.15 -6.08 18.63
C ARG B 58 13.69 -5.71 18.37
N GLU B 59 13.42 -4.41 18.27
CA GLU B 59 12.11 -3.92 17.83
C GLU B 59 12.28 -2.89 16.72
N PRO B 60 11.26 -2.74 15.84
CA PRO B 60 10.10 -3.63 15.69
C PRO B 60 10.52 -4.98 15.14
N GLY B 61 10.09 -6.05 15.81
CA GLY B 61 10.47 -7.41 15.46
C GLY B 61 10.51 -8.25 16.71
N GLY B 62 11.37 -9.26 16.71
CA GLY B 62 11.63 -10.08 17.91
C GLY B 62 10.88 -11.41 17.95
N THR B 63 9.84 -11.54 17.11
CA THR B 63 9.10 -12.81 16.96
C THR B 63 8.90 -13.05 15.46
N LEU B 64 8.64 -14.29 15.07
CA LEU B 64 8.33 -14.55 13.69
C LEU B 64 7.20 -13.67 13.18
N LEU B 65 6.11 -13.58 13.92
CA LEU B 65 4.99 -12.73 13.49
C LEU B 65 5.44 -11.30 13.24
N ASN B 66 6.20 -10.76 14.19
CA ASN B 66 6.59 -9.35 14.17
C ASN B 66 7.55 -9.12 13.02
N GLU B 67 8.44 -10.08 12.81
CA GLU B 67 9.39 -9.95 11.73
C GLU B 67 8.64 -9.99 10.41
N SER B 68 7.62 -10.88 10.31
CA SER B 68 6.81 -10.92 9.13
C SER B 68 6.00 -9.63 8.93
N VAL B 69 5.45 -9.07 10.01
CA VAL B 69 4.74 -7.78 9.91
C VAL B 69 5.70 -6.69 9.50
N ARG B 70 6.90 -6.73 10.05
CA ARG B 70 7.94 -5.73 9.68
C ARG B 70 8.28 -5.72 8.17
N ASN B 71 8.44 -6.90 7.59
CA ASN B 71 8.66 -7.05 6.16
CA ASN B 71 8.66 -7.05 6.17
C ASN B 71 7.49 -6.46 5.35
N LEU B 72 6.26 -6.69 5.79
CA LEU B 72 5.09 -6.08 5.12
C LEU B 72 5.12 -4.58 5.19
N LEU B 73 5.46 -4.05 6.35
CA LEU B 73 5.46 -2.60 6.53
C LEU B 73 6.51 -1.95 5.63
N PHE B 74 7.66 -2.61 5.53
CA PHE B 74 8.75 -2.19 4.63
C PHE B 74 8.30 -2.17 3.16
N LYS B 75 7.53 -3.16 2.77
CA LYS B 75 7.08 -3.24 1.39
C LYS B 75 5.82 -2.41 1.15
N ALA B 76 5.23 -1.83 2.19
CA ALA B 76 4.06 -1.01 1.98
C ALA B 76 4.47 0.45 1.80
N GLN B 77 5.37 0.94 2.67
CA GLN B 77 5.66 2.37 2.91
C GLN B 77 4.33 3.18 2.99
N GLY B 78 4.47 4.50 3.14
CA GLY B 78 3.32 5.41 3.09
C GLY B 78 2.25 5.19 4.14
N LEU B 79 2.65 4.67 5.30
CA LEU B 79 1.72 4.50 6.41
C LEU B 79 1.35 5.86 6.97
N ASP B 80 0.09 6.05 7.33
CA ASP B 80 -0.27 7.13 8.25
C ASP B 80 0.56 6.99 9.52
N SER B 81 0.97 8.12 10.08
CA SER B 81 1.91 8.10 11.21
C SER B 81 1.34 7.43 12.49
N LEU B 82 0.07 7.70 12.78
CA LEU B 82 -0.60 7.07 13.89
C LEU B 82 -0.75 5.57 13.64
N SER B 83 -1.05 5.16 12.41
CA SER B 83 -1.04 3.71 12.08
C SER B 83 0.26 3.08 12.44
N GLU B 84 1.35 3.70 11.99
CA GLU B 84 2.69 3.20 12.21
C GLU B 84 2.96 3.06 13.70
N LEU B 85 2.65 4.11 14.44
CA LEU B 85 2.74 4.00 15.90
C LEU B 85 1.99 2.79 16.45
N LEU B 86 0.75 2.62 16.02
CA LEU B 86 -0.08 1.56 16.54
C LEU B 86 0.45 0.15 16.17
N PHE B 87 0.97 -0.03 14.96
CA PHE B 87 1.63 -1.28 14.60
C PHE B 87 2.84 -1.57 15.50
N PHE B 88 3.66 -0.54 15.76
CA PHE B 88 4.81 -0.68 16.62
C PHE B 88 4.41 -1.00 18.06
N ILE B 89 3.30 -0.44 18.54
CA ILE B 89 2.78 -0.77 19.88
C ILE B 89 2.21 -2.21 19.95
N ALA B 90 1.45 -2.61 18.94
CA ALA B 90 0.99 -4.01 18.85
C ALA B 90 2.15 -4.99 18.87
N MET B 91 3.11 -4.74 18.03
CA MET B 91 4.32 -5.56 17.96
C MET B 91 5.07 -5.65 19.29
N ARG B 92 5.19 -4.51 19.99
CA ARG B 92 5.86 -4.45 21.30
C ARG B 92 5.13 -5.31 22.28
N ARG B 93 3.80 -5.29 22.25
CA ARG B 93 3.02 -6.09 23.17
C ARG B 93 3.33 -7.58 23.01
N GLU B 94 3.27 -8.02 21.76
CA GLU B 94 3.57 -9.39 21.41
C GLU B 94 5.02 -9.78 21.77
N HIS B 95 5.96 -8.89 21.55
CA HIS B 95 7.36 -9.19 21.79
C HIS B 95 7.60 -9.23 23.30
N PHE B 96 6.99 -8.29 24.01
CA PHE B 96 7.06 -8.28 25.48
C PHE B 96 6.50 -9.57 26.10
N VAL B 97 5.26 -9.92 25.72
CA VAL B 97 4.59 -11.09 26.32
C VAL B 97 5.34 -12.41 25.96
N LYS B 98 5.84 -12.55 24.72
CA LYS B 98 6.41 -13.81 24.27
C LYS B 98 7.90 -13.96 24.57
N ILE B 99 8.68 -12.89 24.48
CA ILE B 99 10.14 -12.98 24.61
C ILE B 99 10.66 -12.27 25.84
N ILE B 100 10.32 -10.99 25.98
CA ILE B 100 11.03 -10.20 26.96
C ILE B 100 10.66 -10.65 28.39
N LYS B 101 9.37 -10.65 28.71
CA LYS B 101 8.93 -10.89 30.08
C LYS B 101 9.23 -12.34 30.55
N PRO B 102 8.99 -13.34 29.70
CA PRO B 102 9.35 -14.70 30.12
C PRO B 102 10.87 -14.87 30.31
N SER B 103 11.68 -14.18 29.52
CA SER B 103 13.13 -14.24 29.72
C SER B 103 13.50 -13.65 31.06
N LEU B 104 12.90 -12.53 31.41
CA LEU B 104 13.14 -11.91 32.70
C LEU B 104 12.63 -12.75 33.89
N MET B 105 11.42 -13.31 33.78
CA MET B 105 10.87 -14.24 34.79
C MET B 105 11.80 -15.43 35.05
N GLN B 106 12.51 -15.84 34.01
CA GLN B 106 13.50 -16.90 34.11
C GLN B 106 14.88 -16.40 34.54
N LYS B 107 14.98 -15.15 34.97
CA LYS B 107 16.26 -14.57 35.43
C LYS B 107 17.40 -14.48 34.36
N LYS B 108 17.04 -14.27 33.10
CA LYS B 108 18.04 -14.07 32.05
C LYS B 108 18.26 -12.60 31.86
N ILE B 109 19.32 -12.30 31.15
CA ILE B 109 19.60 -10.95 30.69
C ILE B 109 18.93 -10.74 29.33
N VAL B 110 18.14 -9.68 29.19
CA VAL B 110 17.57 -9.32 27.89
C VAL B 110 18.22 -8.04 27.40
N ILE B 111 18.72 -8.08 26.16
CA ILE B 111 19.26 -6.92 25.45
C ILE B 111 18.40 -6.64 24.22
N CYS B 112 17.75 -5.48 24.16
CA CYS B 112 16.86 -5.15 23.06
C CYS B 112 17.36 -3.93 22.32
N ASP B 113 17.57 -4.13 21.01
CA ASP B 113 17.96 -3.11 20.06
C ASP B 113 16.71 -2.38 19.59
N ARG B 114 16.54 -1.16 20.12
CA ARG B 114 15.35 -0.31 19.98
C ARG B 114 14.19 -0.76 20.85
N PHE B 115 13.61 0.21 21.54
CA PHE B 115 12.52 -0.02 22.45
C PHE B 115 11.66 1.26 22.63
N ILE B 116 11.13 1.51 23.83
CA ILE B 116 10.12 2.54 24.04
C ILE B 116 10.64 3.96 23.69
N ASP B 117 11.93 4.18 23.84
CA ASP B 117 12.50 5.50 23.56
C ASP B 117 12.56 5.84 22.05
N SER B 118 12.77 4.83 21.21
CA SER B 118 12.68 5.05 19.77
C SER B 118 11.29 5.53 19.37
N THR B 119 10.26 4.91 19.92
CA THR B 119 8.90 5.31 19.64
C THR B 119 8.67 6.80 20.00
N ILE B 120 9.16 7.21 21.17
CA ILE B 120 9.01 8.62 21.62
C ILE B 120 9.75 9.54 20.68
N ALA B 121 10.98 9.17 20.36
CA ALA B 121 11.82 10.00 19.49
C ALA B 121 11.27 10.12 18.07
N TYR B 122 10.90 8.99 17.45
CA TYR B 122 10.51 8.99 16.04
C TYR B 122 9.02 9.33 15.84
N GLN B 123 8.15 8.61 16.52
CA GLN B 123 6.72 8.89 16.40
C GLN B 123 6.28 10.17 17.10
N GLY B 124 6.93 10.48 18.21
CA GLY B 124 6.61 11.63 19.00
C GLY B 124 7.26 12.88 18.43
N TYR B 125 8.56 13.03 18.63
CA TYR B 125 9.26 14.25 18.23
C TYR B 125 9.34 14.36 16.72
N GLY B 126 9.61 13.24 16.07
CA GLY B 126 9.74 13.23 14.61
C GLY B 126 8.44 13.55 13.90
N GLN B 127 7.46 12.66 14.07
CA GLN B 127 6.17 12.74 13.38
C GLN B 127 5.16 13.65 14.07
N GLY B 128 5.42 14.08 15.28
CA GLY B 128 4.57 15.05 15.97
C GLY B 128 3.41 14.49 16.76
N ILE B 129 3.38 13.18 17.00
CA ILE B 129 2.32 12.56 17.79
C ILE B 129 2.57 12.88 19.24
N ASP B 130 1.51 13.17 19.97
CA ASP B 130 1.58 13.56 21.37
C ASP B 130 2.32 12.52 22.23
N CYS B 131 3.38 12.96 22.89
CA CYS B 131 4.20 12.07 23.68
C CYS B 131 3.46 11.44 24.86
N SER B 132 2.50 12.15 25.44
CA SER B 132 1.68 11.57 26.49
C SER B 132 0.83 10.41 25.98
N LEU B 133 0.38 10.47 24.72
CA LEU B 133 -0.32 9.31 24.15
C LEU B 133 0.65 8.13 24.05
N ILE B 134 1.83 8.39 23.54
CA ILE B 134 2.81 7.32 23.31
C ILE B 134 3.19 6.69 24.68
N ASP B 135 3.41 7.54 25.69
CA ASP B 135 3.64 7.06 27.06
C ASP B 135 2.50 6.15 27.53
N GLN B 136 1.26 6.60 27.35
CA GLN B 136 0.08 5.79 27.76
CA GLN B 136 0.10 5.82 27.77
C GLN B 136 0.09 4.44 27.06
N LEU B 137 0.34 4.45 25.75
CA LEU B 137 0.38 3.21 24.96
C LEU B 137 1.49 2.25 25.42
N ASN B 138 2.67 2.79 25.70
CA ASN B 138 3.81 2.00 26.18
C ASN B 138 3.48 1.37 27.53
N ASP B 139 2.85 2.15 28.39
CA ASP B 139 2.44 1.67 29.70
C ASP B 139 1.31 0.63 29.63
N LEU B 140 0.48 0.75 28.61
CA LEU B 140 -0.54 -0.26 28.42
C LEU B 140 0.06 -1.63 28.09
N VAL B 141 1.19 -1.67 27.37
CA VAL B 141 1.65 -2.92 26.83
C VAL B 141 2.80 -3.59 27.60
N ILE B 142 3.52 -2.84 28.41
CA ILE B 142 4.60 -3.42 29.21
C ILE B 142 4.39 -3.09 30.69
N ASP B 143 4.86 -4.00 31.53
CA ASP B 143 4.88 -3.76 32.95
C ASP B 143 6.28 -3.88 33.57
N VAL B 144 7.33 -3.98 32.75
CA VAL B 144 8.71 -3.89 33.24
C VAL B 144 9.49 -2.95 32.33
N TYR B 145 10.10 -1.91 32.89
CA TYR B 145 10.88 -0.94 32.12
C TYR B 145 12.35 -1.35 32.14
N PRO B 146 13.17 -0.91 31.15
CA PRO B 146 14.58 -1.28 31.18
C PRO B 146 15.28 -0.83 32.47
N ASP B 147 16.20 -1.65 32.96
CA ASP B 147 17.10 -1.28 34.04
C ASP B 147 18.10 -0.20 33.58
N ILE B 148 18.58 -0.34 32.36
CA ILE B 148 19.53 0.60 31.81
C ILE B 148 19.30 0.74 30.31
N THR B 149 19.45 1.97 29.80
CA THR B 149 19.34 2.27 28.39
C THR B 149 20.52 3.09 27.92
N PHE B 150 21.18 2.62 26.87
CA PHE B 150 22.31 3.31 26.27
C PHE B 150 21.88 4.00 24.99
N ILE B 151 21.91 5.31 25.02
CA ILE B 151 21.63 6.11 23.87
C ILE B 151 22.99 6.42 23.26
N ILE B 152 23.25 5.87 22.08
CA ILE B 152 24.51 6.10 21.36
C ILE B 152 24.34 7.33 20.45
N ASP B 153 25.12 8.37 20.69
CA ASP B 153 24.95 9.67 20.06
C ASP B 153 26.07 9.91 19.05
N VAL B 154 25.71 10.07 17.77
CA VAL B 154 26.70 10.15 16.67
C VAL B 154 26.76 11.56 16.09
N ASP B 172 15.07 14.83 5.10
CA ASP B 172 14.50 15.96 5.83
C ASP B 172 15.31 16.16 7.11
N MET B 173 16.20 17.14 7.05
CA MET B 173 17.07 17.42 8.16
C MET B 173 16.28 17.91 9.40
N GLU B 174 15.14 18.58 9.21
CA GLU B 174 14.32 19.07 10.33
C GLU B 174 13.73 17.91 11.14
N PHE B 175 13.23 16.90 10.44
CA PHE B 175 12.83 15.65 11.07
C PHE B 175 13.96 15.08 11.93
N TYR B 176 15.13 14.91 11.34
CA TYR B 176 16.22 14.28 12.08
C TYR B 176 16.70 15.13 13.27
N TYR B 177 16.70 16.45 13.15
CA TYR B 177 17.01 17.29 14.32
C TYR B 177 15.99 17.08 15.48
N ARG B 178 14.70 16.92 15.15
CA ARG B 178 13.69 16.68 16.17
C ARG B 178 13.88 15.34 16.88
N VAL B 179 14.15 14.29 16.08
CA VAL B 179 14.37 12.97 16.64
C VAL B 179 15.53 13.01 17.63
N ARG B 180 16.61 13.69 17.28
CA ARG B 180 17.78 13.76 18.16
C ARG B 180 17.48 14.49 19.46
N ASP B 181 16.69 15.54 19.34
CA ASP B 181 16.24 16.35 20.46
C ASP B 181 15.38 15.50 21.36
N GLY B 182 14.59 14.62 20.76
CA GLY B 182 13.77 13.67 21.50
C GLY B 182 14.62 12.75 22.38
N PHE B 183 15.61 12.12 21.78
CA PHE B 183 16.58 11.34 22.56
C PHE B 183 17.26 12.12 23.68
N TYR B 184 17.65 13.36 23.43
CA TYR B 184 18.27 14.17 24.48
C TYR B 184 17.29 14.43 25.61
N ASP B 185 16.06 14.75 25.23
CA ASP B 185 15.02 15.01 26.21
C ASP B 185 14.69 13.79 27.00
N ILE B 186 14.68 12.64 26.33
CA ILE B 186 14.43 11.36 27.03
C ILE B 186 15.51 11.17 28.11
N ALA B 187 16.78 11.39 27.74
CA ALA B 187 17.88 11.21 28.68
C ALA B 187 17.73 12.13 29.88
N LYS B 188 17.40 13.41 29.65
CA LYS B 188 17.18 14.36 30.76
C LYS B 188 15.95 14.00 31.60
N LYS B 189 14.89 13.53 30.99
CA LYS B 189 13.71 13.09 31.75
C LYS B 189 14.02 11.82 32.58
N ASN B 190 14.85 10.91 32.06
CA ASN B 190 15.05 9.59 32.68
C ASN B 190 16.52 9.24 33.00
N PRO B 191 17.21 10.10 33.82
CA PRO B 191 18.63 9.88 34.08
C PRO B 191 18.93 8.70 35.00
N HIS B 192 17.91 8.19 35.69
CA HIS B 192 18.00 6.95 36.47
C HIS B 192 18.18 5.72 35.59
N ARG B 193 17.80 5.84 34.32
CA ARG B 193 17.84 4.72 33.39
C ARG B 193 18.72 4.96 32.15
N CYS B 194 18.72 6.18 31.62
CA CYS B 194 19.39 6.45 30.37
C CYS B 194 20.78 6.99 30.53
N HIS B 195 21.70 6.45 29.74
CA HIS B 195 23.05 6.99 29.68
CA HIS B 195 23.06 6.97 29.67
C HIS B 195 23.42 7.27 28.22
N VAL B 196 23.76 8.53 27.95
CA VAL B 196 24.14 8.98 26.62
C VAL B 196 25.64 8.78 26.44
N ILE B 197 26.03 8.00 25.44
CA ILE B 197 27.44 7.79 25.14
C ILE B 197 27.73 8.49 23.83
N THR B 198 28.82 9.25 23.78
CA THR B 198 29.08 10.12 22.65
C THR B 198 30.13 9.58 21.68
N ASP B 199 29.72 9.53 20.42
CA ASP B 199 30.58 9.22 19.26
C ASP B 199 31.44 7.97 19.43
N ILE B 209 33.95 2.25 17.70
CA ILE B 209 33.16 1.02 17.87
C ILE B 209 33.70 0.28 19.10
N ASN B 210 35.00 0.42 19.32
CA ASN B 210 35.66 -0.18 20.47
C ASN B 210 35.60 0.78 21.66
N PHE B 211 35.95 2.06 21.44
CA PHE B 211 35.81 3.06 22.52
C PHE B 211 34.39 3.05 23.11
N VAL B 212 33.37 3.07 22.24
CA VAL B 212 31.98 3.12 22.67
C VAL B 212 31.66 1.88 23.49
N HIS B 213 32.07 0.72 22.99
CA HIS B 213 31.90 -0.55 23.73
C HIS B 213 32.53 -0.50 25.10
N LEU B 214 33.74 0.04 25.21
CA LEU B 214 34.42 0.10 26.51
C LEU B 214 33.65 0.98 27.49
N GLU B 215 33.08 2.09 27.03
CA GLU B 215 32.29 2.93 27.92
CA GLU B 215 32.25 2.97 27.87
C GLU B 215 30.97 2.25 28.28
N VAL B 216 30.40 1.46 27.35
CA VAL B 216 29.17 0.72 27.66
C VAL B 216 29.40 -0.21 28.84
N ILE B 217 30.47 -0.98 28.80
CA ILE B 217 30.79 -1.90 29.89
C ILE B 217 31.11 -1.15 31.17
N LYS B 218 31.88 -0.06 31.07
CA LYS B 218 32.19 0.77 32.23
C LYS B 218 30.91 1.19 32.96
N VAL B 219 29.98 1.81 32.24
CA VAL B 219 28.73 2.29 32.83
C VAL B 219 27.89 1.12 33.34
N LEU B 220 27.78 0.07 32.54
CA LEU B 220 27.01 -1.12 32.96
C LEU B 220 27.45 -1.66 34.34
N GLN B 221 28.76 -1.65 34.61
CA GLN B 221 29.31 -2.31 35.82
C GLN B 221 29.48 -1.38 37.05
N MET B 222 28.88 -0.20 37.03
CA MET B 222 28.78 0.63 38.25
C MET B 222 27.39 0.42 38.83
N PRO C 19 27.44 1.65 6.11
CA PRO C 19 28.75 1.18 5.64
C PRO C 19 29.18 1.81 4.31
N GLY C 20 28.22 1.97 3.40
CA GLY C 20 28.49 2.50 2.08
C GLY C 20 27.48 1.90 1.13
N SER C 21 26.90 2.74 0.27
CA SER C 21 25.90 2.27 -0.66
C SER C 21 26.56 1.40 -1.73
N MET C 22 25.89 0.31 -2.07
CA MET C 22 26.33 -0.59 -3.11
C MET C 22 25.05 -1.21 -3.69
N PHE C 23 24.91 -1.11 -5.01
CA PHE C 23 23.71 -1.60 -5.68
C PHE C 23 24.12 -2.76 -6.58
N ILE C 24 23.68 -3.96 -6.17
CA ILE C 24 24.04 -5.21 -6.84
C ILE C 24 22.80 -5.87 -7.42
N THR C 25 22.85 -6.21 -8.71
CA THR C 25 21.74 -6.95 -9.31
C THR C 25 22.18 -8.33 -9.77
N PHE C 26 21.26 -9.28 -9.67
CA PHE C 26 21.42 -10.56 -10.34
C PHE C 26 20.45 -10.63 -11.50
N GLU C 27 20.95 -11.18 -12.59
CA GLU C 27 20.21 -11.29 -13.84
C GLU C 27 20.47 -12.67 -14.43
N GLY C 28 19.71 -12.99 -15.46
CA GLY C 28 19.86 -14.25 -16.16
C GLY C 28 18.50 -14.78 -16.53
N ILE C 29 18.47 -15.82 -17.36
CA ILE C 29 17.22 -16.46 -17.77
C ILE C 29 16.59 -17.13 -16.55
N ASP C 30 15.30 -17.46 -16.64
CA ASP C 30 14.59 -18.12 -15.55
C ASP C 30 15.24 -19.47 -15.31
N GLY C 31 15.44 -19.83 -14.05
CA GLY C 31 16.10 -21.09 -13.69
C GLY C 31 17.62 -21.03 -13.63
N SER C 32 18.20 -19.86 -13.90
CA SER C 32 19.67 -19.66 -13.87
C SER C 32 20.28 -19.76 -12.47
N GLY C 33 19.45 -19.73 -11.44
CA GLY C 33 19.93 -19.77 -10.05
C GLY C 33 20.24 -18.38 -9.52
N LYS C 34 19.86 -17.35 -10.27
CA LYS C 34 20.06 -15.97 -9.81
C LYS C 34 19.34 -15.69 -8.48
N THR C 35 18.19 -16.31 -8.26
CA THR C 35 17.47 -16.13 -7.00
C THR C 35 18.23 -16.74 -5.84
N THR C 36 18.68 -17.99 -6.00
CA THR C 36 19.45 -18.63 -4.96
C THR C 36 20.69 -17.80 -4.61
N GLN C 37 21.35 -17.30 -5.66
CA GLN C 37 22.60 -16.54 -5.50
C GLN C 37 22.35 -15.21 -4.80
N SER C 38 21.19 -14.62 -5.08
CA SER C 38 20.88 -13.33 -4.51
C SER C 38 20.72 -13.48 -2.98
N HIS C 39 20.00 -14.52 -2.54
CA HIS C 39 19.86 -14.86 -1.11
C HIS C 39 21.21 -15.13 -0.43
N LEU C 40 22.02 -15.99 -1.05
CA LEU C 40 23.33 -16.36 -0.53
C LEU C 40 24.27 -15.16 -0.35
N LEU C 41 24.26 -14.23 -1.31
CA LEU C 41 25.06 -13.00 -1.18
C LEU C 41 24.50 -12.13 -0.05
N ALA C 42 23.18 -12.03 0.01
CA ALA C 42 22.53 -11.32 1.12
C ALA C 42 22.97 -11.89 2.46
N GLU C 43 22.94 -13.21 2.61
CA GLU C 43 23.41 -13.85 3.86
C GLU C 43 24.87 -13.52 4.19
N TYR C 44 25.73 -13.72 3.20
CA TYR C 44 27.16 -13.47 3.35
C TYR C 44 27.47 -12.02 3.74
N LEU C 45 26.80 -11.07 3.08
CA LEU C 45 26.97 -9.66 3.40
C LEU C 45 26.27 -9.28 4.71
N SER C 46 25.14 -9.93 5.01
CA SER C 46 24.43 -9.65 6.27
C SER C 46 25.31 -10.02 7.47
N GLU C 47 26.07 -11.11 7.36
CA GLU C 47 26.93 -11.58 8.44
C GLU C 47 28.07 -10.59 8.67
N ILE C 48 28.57 -9.99 7.61
CA ILE C 48 29.62 -8.98 7.73
C ILE C 48 29.08 -7.63 8.23
N TYR C 49 28.06 -7.08 7.55
CA TYR C 49 27.62 -5.69 7.80
C TYR C 49 26.31 -5.56 8.58
N GLY C 50 25.70 -6.67 8.96
CA GLY C 50 24.44 -6.66 9.68
C GLY C 50 23.24 -6.78 8.76
N VAL C 51 22.24 -7.53 9.19
CA VAL C 51 21.01 -7.73 8.44
C VAL C 51 20.33 -6.42 8.05
N ASN C 52 20.48 -5.41 8.89
CA ASN C 52 19.77 -4.15 8.69
C ASN C 52 20.35 -3.28 7.61
N ASN C 53 21.57 -3.60 7.18
CA ASN C 53 22.26 -2.84 6.16
C ASN C 53 22.29 -3.56 4.82
N VAL C 54 21.52 -4.64 4.75
CA VAL C 54 21.40 -5.44 3.53
C VAL C 54 19.93 -5.61 3.16
N VAL C 55 19.55 -4.98 2.05
CA VAL C 55 18.22 -5.06 1.53
C VAL C 55 18.19 -6.06 0.38
N LEU C 56 17.47 -7.17 0.58
CA LEU C 56 17.25 -8.17 -0.47
C LEU C 56 15.87 -7.93 -1.08
N THR C 57 15.82 -7.75 -2.40
CA THR C 57 14.56 -7.44 -3.05
C THR C 57 14.57 -8.03 -4.46
N ARG C 58 13.47 -7.86 -5.19
CA ARG C 58 13.29 -8.51 -6.49
C ARG C 58 12.27 -7.78 -7.37
N GLU C 59 12.38 -8.01 -8.68
CA GLU C 59 11.38 -7.54 -9.66
C GLU C 59 10.99 -8.69 -10.60
N PRO C 60 9.79 -8.65 -11.16
CA PRO C 60 8.72 -7.74 -10.79
C PRO C 60 8.23 -8.05 -9.37
N GLY C 61 8.01 -7.00 -8.57
CA GLY C 61 7.66 -7.14 -7.15
C GLY C 61 8.39 -6.04 -6.39
N GLY C 62 8.69 -6.29 -5.11
CA GLY C 62 9.41 -5.35 -4.28
C GLY C 62 8.54 -4.56 -3.33
N THR C 63 7.28 -4.37 -3.70
CA THR C 63 6.29 -3.71 -2.87
C THR C 63 4.97 -4.54 -2.91
N LEU C 64 4.10 -4.38 -1.93
CA LEU C 64 2.85 -5.18 -1.95
C LEU C 64 2.04 -4.91 -3.22
N LEU C 65 1.89 -3.64 -3.60
CA LEU C 65 1.24 -3.34 -4.88
C LEU C 65 1.89 -4.11 -6.03
N ASN C 66 3.22 -4.05 -6.16
CA ASN C 66 3.85 -4.65 -7.32
C ASN C 66 3.64 -6.17 -7.37
N GLU C 67 3.60 -6.81 -6.20
CA GLU C 67 3.39 -8.23 -6.12
C GLU C 67 1.98 -8.56 -6.61
N SER C 68 0.99 -7.80 -6.15
CA SER C 68 -0.38 -8.03 -6.57
C SER C 68 -0.53 -7.81 -8.09
N VAL C 69 0.11 -6.76 -8.61
CA VAL C 69 0.00 -6.48 -10.05
C VAL C 69 0.69 -7.62 -10.81
N ARG C 70 1.85 -8.07 -10.32
CA ARG C 70 2.58 -9.16 -10.95
C ARG C 70 1.67 -10.38 -11.07
N ASN C 71 0.94 -10.70 -10.00
CA ASN C 71 0.05 -11.86 -10.05
C ASN C 71 -1.02 -11.74 -11.11
N LEU C 72 -1.55 -10.53 -11.32
CA LEU C 72 -2.50 -10.26 -12.38
C LEU C 72 -1.89 -10.45 -13.74
N LEU C 73 -0.67 -9.92 -13.91
CA LEU C 73 -0.02 -10.01 -15.19
C LEU C 73 0.23 -11.46 -15.56
N PHE C 74 0.50 -12.31 -14.57
CA PHE C 74 0.75 -13.73 -14.80
C PHE C 74 -0.42 -14.49 -15.38
N LYS C 75 -1.65 -14.09 -15.07
CA LYS C 75 -2.86 -14.70 -15.63
C LYS C 75 -3.40 -13.94 -16.85
N ALA C 76 -2.69 -12.92 -17.34
CA ALA C 76 -3.21 -12.16 -18.47
C ALA C 76 -3.00 -12.90 -19.80
N GLN C 77 -4.05 -13.05 -20.58
CA GLN C 77 -3.93 -13.82 -21.81
C GLN C 77 -3.70 -12.80 -22.94
N GLY C 78 -2.57 -12.90 -23.64
CA GLY C 78 -2.32 -12.13 -24.86
C GLY C 78 -2.24 -10.63 -24.65
N LEU C 79 -1.58 -10.23 -23.57
CA LEU C 79 -1.34 -8.83 -23.27
C LEU C 79 -0.42 -8.21 -24.33
N ASP C 80 -0.80 -7.02 -24.80
CA ASP C 80 0.02 -6.30 -25.75
C ASP C 80 1.39 -6.14 -25.11
N SER C 81 2.44 -6.43 -25.85
CA SER C 81 3.78 -6.38 -25.28
C SER C 81 4.23 -4.99 -24.83
N LEU C 82 3.85 -3.95 -25.58
CA LEU C 82 4.22 -2.57 -25.13
C LEU C 82 3.45 -2.20 -23.84
N SER C 83 2.16 -2.55 -23.74
CA SER C 83 1.43 -2.43 -22.47
C SER C 83 2.19 -3.11 -21.31
N GLU C 84 2.63 -4.33 -21.57
CA GLU C 84 3.29 -5.16 -20.54
C GLU C 84 4.59 -4.51 -20.14
N LEU C 85 5.37 -4.08 -21.11
CA LEU C 85 6.55 -3.26 -20.84
C LEU C 85 6.21 -2.08 -19.90
N LEU C 86 5.16 -1.35 -20.23
CA LEU C 86 4.82 -0.16 -19.44
C LEU C 86 4.39 -0.50 -18.00
N PHE C 87 3.71 -1.65 -17.83
CA PHE C 87 3.36 -2.09 -16.50
C PHE C 87 4.64 -2.35 -15.70
N PHE C 88 5.62 -3.02 -16.31
CA PHE C 88 6.85 -3.37 -15.60
C PHE C 88 7.66 -2.11 -15.30
N ILE C 89 7.59 -1.12 -16.19
CA ILE C 89 8.26 0.18 -15.97
C ILE C 89 7.59 0.95 -14.84
N ALA C 90 6.25 0.94 -14.76
CA ALA C 90 5.55 1.59 -13.63
C ALA C 90 5.90 0.92 -12.29
N MET C 91 5.94 -0.39 -12.27
CA MET C 91 6.36 -1.15 -11.08
C MET C 91 7.82 -0.85 -10.67
N ARG C 92 8.71 -0.78 -11.65
CA ARG C 92 10.12 -0.47 -11.39
C ARG C 92 10.28 0.91 -10.74
N ARG C 93 9.48 1.86 -11.21
CA ARG C 93 9.51 3.22 -10.66
C ARG C 93 9.09 3.22 -9.18
N GLU C 94 8.00 2.52 -8.92
CA GLU C 94 7.49 2.39 -7.56
C GLU C 94 8.55 1.72 -6.66
N HIS C 95 9.11 0.62 -7.16
CA HIS C 95 10.12 -0.08 -6.45
C HIS C 95 11.36 0.77 -6.20
N PHE C 96 11.77 1.49 -7.22
CA PHE C 96 12.96 2.32 -7.10
C PHE C 96 12.74 3.44 -6.09
N VAL C 97 11.61 4.12 -6.17
CA VAL C 97 11.32 5.25 -5.28
C VAL C 97 11.09 4.82 -3.83
N LYS C 98 10.38 3.71 -3.63
CA LYS C 98 10.05 3.29 -2.28
CA LYS C 98 10.02 3.26 -2.29
C LYS C 98 11.13 2.45 -1.62
N ILE C 99 11.81 1.60 -2.37
CA ILE C 99 12.74 0.64 -1.74
C ILE C 99 14.21 0.93 -2.06
N ILE C 100 14.56 0.97 -3.34
CA ILE C 100 15.96 0.96 -3.71
C ILE C 100 16.67 2.27 -3.35
N LYS C 101 16.13 3.40 -3.79
CA LYS C 101 16.80 4.70 -3.62
C LYS C 101 16.92 5.08 -2.15
N PRO C 102 15.84 4.99 -1.36
CA PRO C 102 15.97 5.33 0.07
C PRO C 102 16.98 4.43 0.80
N SER C 103 17.00 3.13 0.51
CA SER C 103 18.04 2.26 1.08
C SER C 103 19.45 2.73 0.69
N LEU C 104 19.68 3.05 -0.59
CA LEU C 104 21.00 3.53 -0.99
C LEU C 104 21.36 4.87 -0.33
N MET C 105 20.37 5.78 -0.20
CA MET C 105 20.59 7.05 0.47
C MET C 105 21.02 6.82 1.92
N GLN C 106 20.60 5.71 2.54
CA GLN C 106 20.97 5.37 3.92
C GLN C 106 22.26 4.57 3.98
N LYS C 107 23.01 4.58 2.87
CA LYS C 107 24.32 3.96 2.79
C LYS C 107 24.24 2.46 3.03
N LYS C 108 23.13 1.84 2.60
CA LYS C 108 22.97 0.39 2.70
C LYS C 108 23.31 -0.29 1.39
N ILE C 109 23.43 -1.61 1.45
CA ILE C 109 23.68 -2.44 0.27
C ILE C 109 22.33 -2.99 -0.24
N VAL C 110 22.01 -2.75 -1.51
CA VAL C 110 20.79 -3.30 -2.10
C VAL C 110 21.16 -4.42 -3.07
N ILE C 111 20.54 -5.59 -2.86
CA ILE C 111 20.68 -6.72 -3.76
C ILE C 111 19.33 -6.93 -4.43
N CYS C 112 19.26 -6.71 -5.74
CA CYS C 112 18.02 -6.89 -6.47
C CYS C 112 18.07 -8.08 -7.40
N ASP C 113 17.12 -9.00 -7.23
CA ASP C 113 17.01 -10.18 -8.09
C ASP C 113 16.09 -9.79 -9.27
N ARG C 114 16.69 -9.62 -10.46
CA ARG C 114 16.08 -9.05 -11.68
C ARG C 114 15.91 -7.53 -11.63
N PHE C 115 16.30 -6.84 -12.69
CA PHE C 115 16.18 -5.38 -12.77
C PHE C 115 16.16 -4.96 -14.25
N ILE C 116 16.85 -3.90 -14.64
CA ILE C 116 16.68 -3.31 -15.97
C ILE C 116 17.09 -4.23 -17.12
N ASP C 117 18.12 -5.04 -16.90
CA ASP C 117 18.60 -5.93 -17.95
C ASP C 117 17.62 -7.03 -18.30
N SER C 118 16.89 -7.53 -17.31
CA SER C 118 15.85 -8.54 -17.57
C SER C 118 14.85 -7.97 -18.53
N THR C 119 14.48 -6.70 -18.36
CA THR C 119 13.48 -6.09 -19.25
C THR C 119 13.99 -5.97 -20.67
N ILE C 120 15.28 -5.61 -20.84
CA ILE C 120 15.92 -5.56 -22.15
C ILE C 120 15.96 -6.94 -22.80
N ALA C 121 16.30 -7.96 -22.01
CA ALA C 121 16.47 -9.29 -22.59
C ALA C 121 15.10 -9.87 -22.95
N TYR C 122 14.17 -9.84 -22.01
CA TYR C 122 12.84 -10.43 -22.27
C TYR C 122 11.99 -9.61 -23.24
N GLN C 123 11.97 -8.30 -23.07
CA GLN C 123 11.03 -7.47 -23.83
C GLN C 123 11.66 -6.93 -25.12
N GLY C 124 12.95 -6.63 -25.06
CA GLY C 124 13.66 -6.16 -26.24
C GLY C 124 14.02 -7.30 -27.15
N TYR C 125 15.03 -8.08 -26.77
CA TYR C 125 15.52 -9.15 -27.64
C TYR C 125 14.45 -10.25 -27.83
N GLY C 126 13.80 -10.65 -26.74
CA GLY C 126 12.75 -11.66 -26.81
C GLY C 126 11.52 -11.21 -27.58
N GLN C 127 10.80 -10.24 -27.05
CA GLN C 127 9.56 -9.79 -27.70
C GLN C 127 9.73 -8.83 -28.89
N GLY C 128 10.92 -8.27 -29.09
CA GLY C 128 11.16 -7.44 -30.28
C GLY C 128 10.89 -5.94 -30.12
N ILE C 129 10.54 -5.49 -28.91
CA ILE C 129 10.40 -4.05 -28.66
C ILE C 129 11.76 -3.37 -28.80
N ASP C 130 11.76 -2.20 -29.40
CA ASP C 130 12.98 -1.45 -29.59
C ASP C 130 13.72 -1.27 -28.27
N CYS C 131 14.98 -1.70 -28.23
CA CYS C 131 15.80 -1.59 -27.04
C CYS C 131 16.09 -0.17 -26.62
N SER C 132 16.11 0.78 -27.56
CA SER C 132 16.39 2.17 -27.18
C SER C 132 15.18 2.79 -26.49
N LEU C 133 13.98 2.35 -26.87
CA LEU C 133 12.77 2.74 -26.13
C LEU C 133 12.88 2.23 -24.69
N ILE C 134 13.22 0.95 -24.56
CA ILE C 134 13.37 0.33 -23.22
C ILE C 134 14.40 1.10 -22.38
N ASP C 135 15.54 1.43 -22.99
CA ASP C 135 16.55 2.23 -22.29
C ASP C 135 16.00 3.57 -21.85
N GLN C 136 15.27 4.24 -22.74
CA GLN C 136 14.72 5.56 -22.39
C GLN C 136 13.75 5.41 -21.19
N LEU C 137 12.89 4.39 -21.22
CA LEU C 137 11.90 4.21 -20.15
C LEU C 137 12.56 3.92 -18.81
N ASN C 138 13.62 3.10 -18.84
CA ASN C 138 14.44 2.80 -17.67
C ASN C 138 15.11 4.05 -17.12
N ASP C 139 15.72 4.86 -17.98
CA ASP C 139 16.37 6.09 -17.54
CA ASP C 139 16.38 6.07 -17.51
C ASP C 139 15.36 7.07 -16.98
N LEU C 140 14.12 7.02 -17.49
CA LEU C 140 13.05 7.87 -16.95
C LEU C 140 12.67 7.52 -15.50
N VAL C 141 12.72 6.26 -15.12
CA VAL C 141 12.20 5.90 -13.82
C VAL C 141 13.27 5.70 -12.76
N ILE C 142 14.54 5.51 -13.14
CA ILE C 142 15.60 5.37 -12.15
C ILE C 142 16.72 6.39 -12.37
N ASP C 143 17.36 6.84 -11.30
CA ASP C 143 18.52 7.73 -11.45
C ASP C 143 19.82 7.18 -10.83
N VAL C 144 19.82 5.90 -10.52
CA VAL C 144 21.00 5.19 -10.03
C VAL C 144 21.04 3.82 -10.68
N TYR C 145 22.10 3.55 -11.42
CA TYR C 145 22.27 2.24 -12.07
C TYR C 145 23.07 1.30 -11.15
N PRO C 146 22.90 -0.02 -11.32
CA PRO C 146 23.69 -0.95 -10.49
C PRO C 146 25.21 -0.74 -10.56
N ASP C 147 25.88 -0.90 -9.44
CA ASP C 147 27.34 -0.83 -9.39
C ASP C 147 27.97 -2.06 -10.02
N ILE C 148 27.29 -3.18 -9.89
CA ILE C 148 27.74 -4.45 -10.41
C ILE C 148 26.55 -5.35 -10.69
N THR C 149 26.53 -5.98 -11.86
CA THR C 149 25.47 -6.89 -12.24
C THR C 149 26.05 -8.26 -12.57
N PHE C 150 25.54 -9.29 -11.91
CA PHE C 150 25.97 -10.64 -12.16
C PHE C 150 24.93 -11.34 -13.00
N ILE C 151 25.37 -11.82 -14.15
CA ILE C 151 24.52 -12.55 -15.05
C ILE C 151 24.92 -14.03 -14.88
N ILE C 152 24.00 -14.86 -14.43
CA ILE C 152 24.29 -16.27 -14.24
C ILE C 152 23.85 -17.02 -15.49
N ASP C 153 24.75 -17.83 -16.02
CA ASP C 153 24.62 -18.42 -17.34
C ASP C 153 24.28 -19.92 -17.22
N VAL C 154 23.35 -20.40 -18.06
CA VAL C 154 22.97 -21.84 -18.11
C VAL C 154 22.71 -22.33 -19.56
N ASP C 155 22.51 -23.64 -19.73
CA ASP C 155 22.21 -24.22 -21.06
C ASP C 155 20.71 -24.40 -21.26
N ASP C 172 8.60 -22.37 -26.92
CA ASP C 172 9.32 -21.79 -28.04
C ASP C 172 10.78 -21.51 -27.68
N MET C 173 11.69 -22.22 -28.36
CA MET C 173 13.11 -22.10 -28.05
C MET C 173 13.78 -20.91 -28.75
N GLU C 174 13.29 -20.54 -29.93
CA GLU C 174 13.76 -19.33 -30.62
C GLU C 174 13.72 -18.16 -29.64
N PHE C 175 12.54 -17.97 -29.04
CA PHE C 175 12.35 -17.00 -27.98
C PHE C 175 13.41 -17.10 -26.88
N TYR C 176 13.54 -18.27 -26.26
CA TYR C 176 14.47 -18.47 -25.14
C TYR C 176 15.92 -18.15 -25.51
N TYR C 177 16.33 -18.51 -26.73
CA TYR C 177 17.70 -18.24 -27.22
C TYR C 177 17.97 -16.75 -27.47
N ARG C 178 16.99 -16.02 -27.98
CA ARG C 178 17.13 -14.56 -28.14
C ARG C 178 17.33 -13.85 -26.81
N VAL C 179 16.60 -14.26 -25.79
CA VAL C 179 16.75 -13.70 -24.45
C VAL C 179 18.14 -14.00 -23.87
N ARG C 180 18.53 -15.28 -23.96
CA ARG C 180 19.85 -15.71 -23.50
C ARG C 180 20.92 -14.87 -24.18
N ASP C 181 20.86 -14.82 -25.52
CA ASP C 181 21.74 -13.98 -26.33
C ASP C 181 21.66 -12.50 -25.91
N GLY C 182 20.45 -12.05 -25.60
CA GLY C 182 20.27 -10.69 -25.08
C GLY C 182 21.14 -10.38 -23.87
N PHE C 183 21.17 -11.32 -22.93
CA PHE C 183 22.00 -11.17 -21.74
C PHE C 183 23.51 -11.13 -22.03
N TYR C 184 23.95 -11.93 -23.02
CA TYR C 184 25.34 -11.84 -23.48
C TYR C 184 25.64 -10.48 -24.09
N ASP C 185 24.72 -10.00 -24.93
CA ASP C 185 24.93 -8.74 -25.62
C ASP C 185 24.96 -7.52 -24.68
N ILE C 186 24.11 -7.54 -23.66
CA ILE C 186 24.11 -6.51 -22.63
C ILE C 186 25.44 -6.43 -21.91
N ALA C 187 25.92 -7.59 -21.47
CA ALA C 187 27.25 -7.74 -20.85
C ALA C 187 28.34 -7.14 -21.74
N LYS C 188 28.30 -7.50 -23.02
CA LYS C 188 29.25 -6.99 -24.00
C LYS C 188 29.17 -5.47 -24.13
N LYS C 189 27.96 -4.91 -24.14
CA LYS C 189 27.81 -3.45 -24.21
C LYS C 189 28.13 -2.73 -22.87
N ASN C 190 28.06 -3.44 -21.74
CA ASN C 190 28.28 -2.86 -20.42
C ASN C 190 29.32 -3.63 -19.60
N PRO C 191 30.58 -3.66 -20.07
CA PRO C 191 31.62 -4.46 -19.41
C PRO C 191 32.13 -3.85 -18.09
N HIS C 192 32.01 -2.53 -17.95
CA HIS C 192 32.32 -1.84 -16.70
C HIS C 192 31.33 -2.23 -15.58
N ARG C 193 30.18 -2.82 -15.91
CA ARG C 193 29.16 -3.14 -14.90
C ARG C 193 28.79 -4.64 -14.82
N CYS C 194 28.65 -5.31 -15.95
CA CYS C 194 28.17 -6.69 -15.95
C CYS C 194 29.33 -7.66 -15.92
N HIS C 195 29.17 -8.72 -15.14
CA HIS C 195 30.11 -9.81 -15.11
CA HIS C 195 30.11 -9.84 -15.09
C HIS C 195 29.27 -11.10 -15.21
N VAL C 196 29.62 -11.96 -16.17
CA VAL C 196 28.88 -13.18 -16.43
C VAL C 196 29.54 -14.30 -15.64
N ILE C 197 28.73 -15.13 -15.01
CA ILE C 197 29.26 -16.29 -14.29
C ILE C 197 28.76 -17.61 -14.89
N THR C 198 29.72 -18.47 -15.19
CA THR C 198 29.48 -19.80 -15.72
C THR C 198 29.72 -20.83 -14.63
N PHE C 211 29.90 -22.44 -5.20
CA PHE C 211 30.89 -22.43 -6.27
C PHE C 211 30.68 -21.19 -7.16
N VAL C 212 29.52 -21.10 -7.79
CA VAL C 212 29.07 -19.82 -8.37
C VAL C 212 29.12 -18.71 -7.34
N HIS C 213 28.74 -19.05 -6.10
CA HIS C 213 28.71 -18.09 -5.00
C HIS C 213 30.12 -17.59 -4.66
N LEU C 214 31.10 -18.50 -4.66
CA LEU C 214 32.49 -18.12 -4.40
C LEU C 214 33.01 -17.16 -5.49
N GLU C 215 32.61 -17.36 -6.73
CA GLU C 215 33.02 -16.42 -7.77
C GLU C 215 32.41 -15.04 -7.54
N VAL C 216 31.12 -15.01 -7.22
CA VAL C 216 30.47 -13.73 -6.92
C VAL C 216 31.26 -12.97 -5.86
N ILE C 217 31.53 -13.63 -4.74
CA ILE C 217 32.24 -12.98 -3.64
C ILE C 217 33.66 -12.52 -4.07
N LYS C 218 34.34 -13.32 -4.89
CA LYS C 218 35.70 -12.96 -5.34
C LYS C 218 35.64 -11.78 -6.31
N VAL C 219 34.63 -11.74 -7.17
CA VAL C 219 34.47 -10.63 -8.10
C VAL C 219 34.09 -9.34 -7.36
N LEU C 220 33.15 -9.45 -6.43
CA LEU C 220 32.71 -8.32 -5.61
C LEU C 220 33.89 -7.68 -4.84
N GLN C 221 34.80 -8.50 -4.32
CA GLN C 221 36.06 -8.00 -3.77
C GLN C 221 36.97 -7.52 -4.92
N PRO D 19 -21.49 1.69 -39.49
CA PRO D 19 -22.11 3.02 -39.66
C PRO D 19 -21.12 4.16 -39.84
N GLY D 20 -19.98 4.10 -39.17
CA GLY D 20 -18.98 5.16 -39.31
C GLY D 20 -18.18 5.32 -38.04
N SER D 21 -16.87 5.21 -38.18
CA SER D 21 -15.94 5.37 -37.09
C SER D 21 -16.14 6.73 -36.42
N MET D 22 -16.26 6.73 -35.10
CA MET D 22 -16.40 7.97 -34.33
C MET D 22 -15.91 7.75 -32.90
N PHE D 23 -14.93 8.53 -32.48
CA PHE D 23 -14.28 8.36 -31.19
C PHE D 23 -14.60 9.62 -30.37
N ILE D 24 -15.51 9.48 -29.41
CA ILE D 24 -15.97 10.59 -28.56
C ILE D 24 -15.39 10.37 -27.16
N THR D 25 -14.90 11.44 -26.53
CA THR D 25 -14.53 11.35 -25.12
C THR D 25 -15.22 12.42 -24.29
N PHE D 26 -15.40 12.08 -23.01
CA PHE D 26 -15.91 12.97 -21.99
C PHE D 26 -14.85 13.25 -20.93
N GLU D 27 -14.73 14.51 -20.57
CA GLU D 27 -13.65 14.95 -19.74
C GLU D 27 -14.16 16.02 -18.78
N GLY D 28 -13.32 16.31 -17.79
CA GLY D 28 -13.63 17.28 -16.73
C GLY D 28 -13.24 16.72 -15.39
N ILE D 29 -13.37 17.54 -14.35
CA ILE D 29 -13.01 17.12 -12.99
C ILE D 29 -14.07 16.22 -12.44
N ASP D 30 -13.68 15.39 -11.47
CA ASP D 30 -14.57 14.45 -10.79
C ASP D 30 -15.75 15.18 -10.22
N GLY D 31 -16.94 14.61 -10.39
CA GLY D 31 -18.15 15.26 -9.91
C GLY D 31 -18.79 16.19 -10.93
N SER D 32 -18.18 16.34 -12.10
CA SER D 32 -18.71 17.23 -13.13
C SER D 32 -19.88 16.63 -13.92
N GLY D 33 -20.06 15.32 -13.81
CA GLY D 33 -21.15 14.63 -14.53
C GLY D 33 -20.74 13.92 -15.81
N LYS D 34 -19.43 13.69 -15.96
CA LYS D 34 -18.84 13.05 -17.14
C LYS D 34 -19.45 11.68 -17.35
N THR D 35 -19.50 10.92 -16.25
CA THR D 35 -20.00 9.59 -16.35
C THR D 35 -21.44 9.60 -16.78
N THR D 36 -22.26 10.43 -16.16
CA THR D 36 -23.70 10.51 -16.50
C THR D 36 -23.89 10.92 -17.95
N GLN D 37 -23.15 11.92 -18.39
CA GLN D 37 -23.31 12.38 -19.77
C GLN D 37 -22.90 11.33 -20.79
N SER D 38 -21.89 10.54 -20.45
CA SER D 38 -21.44 9.47 -21.37
C SER D 38 -22.47 8.35 -21.48
N HIS D 39 -23.14 8.01 -20.37
CA HIS D 39 -24.21 7.01 -20.44
C HIS D 39 -25.39 7.53 -21.27
N LEU D 40 -25.83 8.76 -21.00
CA LEU D 40 -26.95 9.32 -21.72
C LEU D 40 -26.66 9.38 -23.23
N LEU D 41 -25.47 9.82 -23.62
CA LEU D 41 -25.09 9.85 -25.04
C LEU D 41 -25.02 8.45 -25.65
N ALA D 42 -24.45 7.49 -24.93
CA ALA D 42 -24.49 6.06 -25.32
C ALA D 42 -25.90 5.58 -25.57
N GLU D 43 -26.84 5.96 -24.72
CA GLU D 43 -28.21 5.48 -24.89
C GLU D 43 -28.83 6.11 -26.12
N TYR D 44 -28.65 7.42 -26.26
CA TYR D 44 -29.16 8.19 -27.40
C TYR D 44 -28.65 7.64 -28.73
N LEU D 45 -27.33 7.42 -28.82
CA LEU D 45 -26.75 6.91 -30.07
C LEU D 45 -27.10 5.43 -30.30
N SER D 46 -27.32 4.64 -29.24
CA SER D 46 -27.65 3.20 -29.38
C SER D 46 -29.05 3.00 -29.94
N GLU D 47 -29.95 3.90 -29.54
CA GLU D 47 -31.29 3.96 -30.10
C GLU D 47 -31.27 4.25 -31.60
N ILE D 48 -30.42 5.15 -32.05
CA ILE D 48 -30.32 5.47 -33.48
C ILE D 48 -29.53 4.41 -34.28
N TYR D 49 -28.35 4.01 -33.81
CA TYR D 49 -27.49 3.13 -34.62
C TYR D 49 -27.49 1.67 -34.22
N GLY D 50 -28.09 1.34 -33.07
CA GLY D 50 -28.11 -0.03 -32.58
C GLY D 50 -27.06 -0.24 -31.51
N VAL D 51 -27.42 -1.01 -30.49
CA VAL D 51 -26.55 -1.20 -29.33
C VAL D 51 -25.19 -1.80 -29.72
N ASN D 52 -25.18 -2.65 -30.74
CA ASN D 52 -23.95 -3.34 -31.18
C ASN D 52 -22.97 -2.38 -31.84
N ASN D 53 -23.44 -1.20 -32.25
CA ASN D 53 -22.59 -0.20 -32.90
C ASN D 53 -22.08 0.94 -32.03
N VAL D 54 -22.38 0.86 -30.73
CA VAL D 54 -21.96 1.89 -29.78
C VAL D 54 -21.22 1.20 -28.67
N VAL D 55 -20.01 1.62 -28.38
CA VAL D 55 -19.19 0.96 -27.39
C VAL D 55 -18.91 2.01 -26.32
N LEU D 56 -19.46 1.80 -25.13
CA LEU D 56 -19.29 2.72 -24.01
C LEU D 56 -18.19 2.13 -23.15
N THR D 57 -17.23 2.96 -22.75
CA THR D 57 -16.09 2.46 -22.02
C THR D 57 -15.52 3.59 -21.18
N ARG D 58 -14.47 3.29 -20.42
CA ARG D 58 -13.87 4.29 -19.54
C ARG D 58 -12.37 4.04 -19.26
N GLU D 59 -11.68 5.07 -18.77
CA GLU D 59 -10.31 4.92 -18.23
C GLU D 59 -10.25 5.57 -16.84
N PRO D 60 -9.29 5.18 -15.99
CA PRO D 60 -8.42 3.98 -16.15
C PRO D 60 -9.29 2.74 -15.97
N GLY D 61 -9.17 1.78 -16.88
CA GLY D 61 -10.09 0.61 -16.89
C GLY D 61 -10.44 0.18 -18.29
N GLY D 62 -11.64 -0.37 -18.45
CA GLY D 62 -12.15 -0.69 -19.78
C GLY D 62 -11.90 -2.11 -20.27
N THR D 63 -11.06 -2.86 -19.54
CA THR D 63 -10.92 -4.30 -19.75
C THR D 63 -10.82 -4.91 -18.39
N LEU D 64 -10.99 -6.23 -18.31
CA LEU D 64 -10.89 -6.93 -17.05
C LEU D 64 -9.54 -6.72 -16.36
N LEU D 65 -8.44 -6.96 -17.07
CA LEU D 65 -7.12 -6.67 -16.51
C LEU D 65 -7.09 -5.24 -15.96
N ASN D 66 -7.51 -4.24 -16.74
CA ASN D 66 -7.41 -2.83 -16.28
C ASN D 66 -8.26 -2.52 -15.05
N GLU D 67 -9.46 -3.09 -14.99
CA GLU D 67 -10.35 -2.89 -13.86
C GLU D 67 -9.78 -3.56 -12.62
N SER D 68 -9.17 -4.75 -12.77
CA SER D 68 -8.47 -5.37 -11.66
C SER D 68 -7.23 -4.55 -11.20
N VAL D 69 -6.49 -3.96 -12.13
CA VAL D 69 -5.36 -3.13 -11.73
C VAL D 69 -5.89 -1.90 -10.98
N ARG D 70 -6.95 -1.30 -11.53
CA ARG D 70 -7.60 -0.18 -10.91
C ARG D 70 -7.97 -0.48 -9.47
N ASN D 71 -8.59 -1.63 -9.21
CA ASN D 71 -8.95 -1.99 -7.84
CA ASN D 71 -8.94 -2.04 -7.84
C ASN D 71 -7.70 -2.10 -6.94
N LEU D 72 -6.59 -2.64 -7.46
CA LEU D 72 -5.37 -2.70 -6.64
C LEU D 72 -4.83 -1.29 -6.31
N LEU D 73 -4.86 -0.41 -7.30
CA LEU D 73 -4.42 0.97 -7.11
C LEU D 73 -5.27 1.64 -6.02
N PHE D 74 -6.57 1.42 -6.03
CA PHE D 74 -7.47 1.95 -4.99
C PHE D 74 -7.05 1.51 -3.61
N LYS D 75 -6.59 0.26 -3.49
CA LYS D 75 -6.27 -0.32 -2.19
C LYS D 75 -4.80 -0.16 -1.78
N ALA D 76 -3.98 0.25 -2.73
CA ALA D 76 -2.64 0.67 -2.42
C ALA D 76 -3.01 2.11 -2.31
N GLN D 77 -2.47 2.87 -1.43
CA GLN D 77 -2.54 4.31 -1.77
C GLN D 77 -1.13 4.95 -1.60
N GLY D 78 -0.92 6.08 -2.27
CA GLY D 78 0.30 6.79 -2.11
C GLY D 78 1.30 6.31 -3.11
N LEU D 79 0.91 6.29 -4.38
CA LEU D 79 1.83 6.13 -5.49
C LEU D 79 2.69 7.35 -5.70
N ASP D 80 3.96 7.12 -6.05
CA ASP D 80 4.76 8.13 -6.73
C ASP D 80 3.95 8.63 -7.94
N SER D 81 4.02 9.92 -8.23
CA SER D 81 3.19 10.49 -9.28
C SER D 81 3.58 9.96 -10.68
N LEU D 82 4.86 9.74 -10.91
CA LEU D 82 5.31 9.17 -12.17
C LEU D 82 4.88 7.71 -12.30
N SER D 83 4.92 6.93 -11.22
CA SER D 83 4.39 5.54 -11.30
C SER D 83 2.95 5.57 -11.73
N GLU D 84 2.18 6.44 -11.13
CA GLU D 84 0.76 6.50 -11.39
C GLU D 84 0.47 6.81 -12.82
N LEU D 85 1.14 7.82 -13.35
CA LEU D 85 1.09 8.14 -14.76
C LEU D 85 1.38 6.92 -15.60
N LEU D 86 2.47 6.24 -15.31
CA LEU D 86 2.88 5.11 -16.12
C LEU D 86 1.88 3.94 -16.03
N PHE D 87 1.29 3.69 -14.86
CA PHE D 87 0.22 2.70 -14.77
C PHE D 87 -0.92 3.11 -15.74
N PHE D 88 -1.31 4.38 -15.70
CA PHE D 88 -2.43 4.86 -16.52
C PHE D 88 -2.10 4.72 -18.00
N ILE D 89 -0.83 4.90 -18.35
CA ILE D 89 -0.40 4.79 -19.76
C ILE D 89 -0.37 3.32 -20.22
N ALA D 90 0.13 2.42 -19.37
CA ALA D 90 0.10 0.97 -19.66
C ALA D 90 -1.30 0.49 -19.86
N MET D 91 -2.20 0.96 -19.01
CA MET D 91 -3.62 0.61 -19.07
C MET D 91 -4.28 1.20 -20.31
N ARG D 92 -3.92 2.43 -20.66
CA ARG D 92 -4.42 3.02 -21.91
C ARG D 92 -4.00 2.18 -23.13
N ARG D 93 -2.76 1.72 -23.15
CA ARG D 93 -2.27 0.92 -24.27
C ARG D 93 -3.12 -0.36 -24.43
N GLU D 94 -3.32 -1.05 -23.31
CA GLU D 94 -4.10 -2.26 -23.33
C GLU D 94 -5.54 -1.99 -23.80
N HIS D 95 -6.14 -0.92 -23.27
CA HIS D 95 -7.50 -0.51 -23.59
C HIS D 95 -7.64 -0.15 -25.07
N PHE D 96 -6.68 0.61 -25.58
CA PHE D 96 -6.65 1.02 -26.98
C PHE D 96 -6.56 -0.17 -27.88
N VAL D 97 -5.67 -1.11 -27.54
CA VAL D 97 -5.44 -2.27 -28.40
C VAL D 97 -6.64 -3.21 -28.42
N LYS D 98 -7.23 -3.49 -27.25
CA LYS D 98 -8.26 -4.51 -27.16
C LYS D 98 -9.65 -3.97 -27.46
N ILE D 99 -9.91 -2.69 -27.18
CA ILE D 99 -11.28 -2.17 -27.23
C ILE D 99 -11.49 -1.06 -28.24
N ILE D 100 -10.72 0.03 -28.09
CA ILE D 100 -10.92 1.22 -28.91
C ILE D 100 -10.57 1.02 -30.39
N LYS D 101 -9.36 0.58 -30.70
CA LYS D 101 -8.94 0.43 -32.07
C LYS D 101 -9.78 -0.62 -32.84
N PRO D 102 -10.02 -1.82 -32.24
CA PRO D 102 -10.83 -2.76 -33.00
C PRO D 102 -12.25 -2.24 -33.29
N SER D 103 -12.86 -1.56 -32.32
CA SER D 103 -14.18 -0.95 -32.51
C SER D 103 -14.20 0.10 -33.63
N LEU D 104 -13.19 0.96 -33.63
CA LEU D 104 -13.08 1.96 -34.67
C LEU D 104 -12.82 1.32 -36.06
N MET D 105 -11.97 0.30 -36.09
CA MET D 105 -11.79 -0.50 -37.30
C MET D 105 -13.11 -1.11 -37.83
N GLN D 106 -14.03 -1.42 -36.93
CA GLN D 106 -15.33 -1.95 -37.32
C GLN D 106 -16.34 -0.84 -37.66
N LYS D 107 -15.89 0.40 -37.69
CA LYS D 107 -16.74 1.56 -37.97
C LYS D 107 -17.85 1.76 -36.93
N LYS D 108 -17.55 1.46 -35.66
CA LYS D 108 -18.50 1.70 -34.58
C LYS D 108 -18.25 3.05 -33.91
N ILE D 109 -19.18 3.45 -33.06
CA ILE D 109 -19.00 4.65 -32.29
C ILE D 109 -18.42 4.25 -30.93
N VAL D 110 -17.31 4.87 -30.56
CA VAL D 110 -16.70 4.62 -29.25
C VAL D 110 -16.88 5.87 -28.39
N ILE D 111 -17.46 5.68 -27.20
CA ILE D 111 -17.55 6.72 -26.17
C ILE D 111 -16.74 6.33 -24.94
N CYS D 112 -15.73 7.14 -24.60
CA CYS D 112 -14.88 6.89 -23.44
C CYS D 112 -14.98 8.00 -22.38
N ASP D 113 -15.36 7.61 -21.17
CA ASP D 113 -15.38 8.43 -19.98
C ASP D 113 -13.97 8.48 -19.39
N ARG D 114 -13.33 9.62 -19.61
CA ARG D 114 -11.95 9.91 -19.28
C ARG D 114 -10.98 9.31 -20.27
N PHE D 115 -10.05 10.15 -20.71
CA PHE D 115 -9.05 9.74 -21.66
C PHE D 115 -7.79 10.60 -21.53
N ILE D 116 -7.14 10.91 -22.67
CA ILE D 116 -5.85 11.59 -22.67
C ILE D 116 -5.85 12.94 -21.94
N ASP D 117 -6.95 13.67 -21.99
CA ASP D 117 -7.01 15.01 -21.40
C ASP D 117 -7.02 14.97 -19.85
N SER D 118 -7.70 13.98 -19.27
CA SER D 118 -7.62 13.74 -17.86
C SER D 118 -6.17 13.56 -17.43
N THR D 119 -5.42 12.78 -18.16
CA THR D 119 -4.02 12.53 -17.78
C THR D 119 -3.18 13.84 -17.77
N ILE D 120 -3.41 14.68 -18.78
CA ILE D 120 -2.73 15.98 -18.83
C ILE D 120 -3.09 16.86 -17.65
N ALA D 121 -4.37 16.95 -17.37
CA ALA D 121 -4.88 17.83 -16.30
C ALA D 121 -4.45 17.38 -14.89
N TYR D 122 -4.70 16.13 -14.58
CA TYR D 122 -4.34 15.54 -13.31
C TYR D 122 -2.85 15.25 -13.17
N GLN D 123 -2.29 14.38 -14.01
CA GLN D 123 -0.87 14.06 -13.86
C GLN D 123 0.03 15.25 -14.20
N GLY D 124 -0.36 16.02 -15.21
CA GLY D 124 0.45 17.17 -15.59
C GLY D 124 0.22 18.39 -14.67
N TYR D 125 -0.90 19.08 -14.86
CA TYR D 125 -1.17 20.31 -14.13
C TYR D 125 -1.30 20.06 -12.64
N GLY D 126 -2.05 19.03 -12.26
CA GLY D 126 -2.24 18.69 -10.83
C GLY D 126 -0.92 18.32 -10.14
N GLN D 127 -0.32 17.22 -10.60
CA GLN D 127 0.84 16.64 -9.94
C GLN D 127 2.18 17.27 -10.36
N GLY D 128 2.22 17.93 -11.51
CA GLY D 128 3.40 18.70 -11.92
C GLY D 128 4.27 17.96 -12.92
N ILE D 129 3.79 16.87 -13.52
CA ILE D 129 4.62 16.13 -14.46
C ILE D 129 4.59 16.90 -15.75
N ASP D 130 5.75 17.01 -16.38
CA ASP D 130 5.90 17.70 -17.64
C ASP D 130 4.87 17.24 -18.68
N CYS D 131 4.03 18.15 -19.14
CA CYS D 131 3.02 17.82 -20.15
C CYS D 131 3.59 17.29 -21.46
N SER D 132 4.78 17.74 -21.82
CA SER D 132 5.43 17.17 -22.98
C SER D 132 5.74 15.68 -22.79
N LEU D 133 6.18 15.27 -21.60
CA LEU D 133 6.41 13.85 -21.36
C LEU D 133 5.09 13.09 -21.51
N ILE D 134 4.01 13.64 -20.97
CA ILE D 134 2.71 12.98 -21.05
C ILE D 134 2.27 12.85 -22.51
N ASP D 135 2.41 13.94 -23.29
CA ASP D 135 2.14 13.88 -24.74
C ASP D 135 2.96 12.75 -25.42
N GLN D 136 4.25 12.66 -25.15
CA GLN D 136 5.05 11.60 -25.74
C GLN D 136 4.59 10.20 -25.33
N LEU D 137 4.22 10.03 -24.08
CA LEU D 137 3.74 8.75 -23.60
C LEU D 137 2.40 8.39 -24.29
N ASN D 138 1.50 9.36 -24.41
CA ASN D 138 0.25 9.14 -25.11
C ASN D 138 0.50 8.74 -26.55
N ASP D 139 1.36 9.48 -27.26
CA ASP D 139 1.66 9.17 -28.66
C ASP D 139 2.40 7.84 -28.79
N LEU D 140 3.07 7.38 -27.72
CA LEU D 140 3.68 6.07 -27.76
C LEU D 140 2.60 4.99 -27.81
N VAL D 141 1.48 5.19 -27.13
CA VAL D 141 0.52 4.12 -26.97
C VAL D 141 -0.73 4.18 -27.86
N ILE D 142 -1.15 5.36 -28.32
CA ILE D 142 -2.24 5.49 -29.28
C ILE D 142 -1.76 6.21 -30.57
N ASP D 143 -2.39 5.91 -31.70
CA ASP D 143 -2.08 6.61 -32.96
C ASP D 143 -3.26 7.36 -33.58
N VAL D 144 -4.35 7.47 -32.83
CA VAL D 144 -5.50 8.30 -33.20
C VAL D 144 -5.98 9.11 -31.98
N TYR D 145 -6.35 10.38 -32.18
CA TYR D 145 -6.98 11.17 -31.12
C TYR D 145 -8.50 11.08 -31.21
N PRO D 146 -9.21 11.46 -30.12
CA PRO D 146 -10.65 11.55 -30.28
C PRO D 146 -11.06 12.54 -31.40
N ASP D 147 -12.15 12.20 -32.10
CA ASP D 147 -12.78 13.11 -33.05
C ASP D 147 -13.41 14.32 -32.33
N ILE D 148 -14.01 14.08 -31.16
CA ILE D 148 -14.62 15.15 -30.33
C ILE D 148 -14.47 14.80 -28.88
N THR D 149 -14.22 15.81 -28.07
CA THR D 149 -14.04 15.66 -26.67
C THR D 149 -14.90 16.73 -26.02
N PHE D 150 -15.77 16.29 -25.13
CA PHE D 150 -16.64 17.19 -24.37
C PHE D 150 -16.08 17.41 -22.98
N ILE D 151 -15.72 18.63 -22.71
CA ILE D 151 -15.28 19.01 -21.37
C ILE D 151 -16.43 19.65 -20.62
N ILE D 152 -16.86 19.02 -19.54
CA ILE D 152 -18.02 19.47 -18.78
C ILE D 152 -17.49 20.36 -17.66
N ASP D 153 -17.89 21.62 -17.69
CA ASP D 153 -17.38 22.66 -16.80
C ASP D 153 -18.34 22.85 -15.62
N VAL D 154 -17.91 22.47 -14.41
CA VAL D 154 -18.74 22.58 -13.17
C VAL D 154 -18.22 23.60 -12.15
N ASP D 155 -19.05 24.58 -11.79
CA ASP D 155 -18.74 25.59 -10.74
C ASP D 155 -17.23 25.87 -10.50
N ASP D 172 -6.48 19.12 -1.47
CA ASP D 172 -6.08 20.52 -1.36
C ASP D 172 -6.57 21.38 -2.55
N MET D 173 -6.99 22.61 -2.25
CA MET D 173 -7.67 23.44 -3.22
C MET D 173 -6.70 23.91 -4.30
N GLU D 174 -5.42 24.08 -3.96
CA GLU D 174 -4.42 24.46 -4.94
C GLU D 174 -4.40 23.44 -6.09
N PHE D 175 -4.35 22.15 -5.74
CA PHE D 175 -4.33 21.05 -6.71
C PHE D 175 -5.54 21.15 -7.63
N TYR D 176 -6.71 21.31 -7.03
CA TYR D 176 -7.99 21.45 -7.74
C TYR D 176 -7.95 22.58 -8.77
N TYR D 177 -7.46 23.73 -8.34
CA TYR D 177 -7.42 24.87 -9.22
C TYR D 177 -6.45 24.61 -10.39
N ARG D 178 -5.32 23.96 -10.13
CA ARG D 178 -4.43 23.59 -11.22
C ARG D 178 -5.09 22.66 -12.25
N VAL D 179 -5.82 21.64 -11.77
CA VAL D 179 -6.47 20.70 -12.67
C VAL D 179 -7.50 21.44 -13.55
N ARG D 180 -8.27 22.31 -12.93
CA ARG D 180 -9.28 23.04 -13.66
C ARG D 180 -8.64 23.94 -14.72
N ASP D 181 -7.55 24.58 -14.33
CA ASP D 181 -6.79 25.41 -15.25
C ASP D 181 -6.27 24.56 -16.42
N GLY D 182 -5.82 23.34 -16.14
CA GLY D 182 -5.33 22.44 -17.17
C GLY D 182 -6.38 22.13 -18.23
N PHE D 183 -7.59 21.80 -17.78
CA PHE D 183 -8.72 21.59 -18.72
C PHE D 183 -8.98 22.84 -19.59
N TYR D 184 -8.96 24.04 -19.01
CA TYR D 184 -9.13 25.25 -19.84
C TYR D 184 -8.02 25.40 -20.88
N ASP D 185 -6.77 25.16 -20.47
CA ASP D 185 -5.66 25.22 -21.41
C ASP D 185 -5.78 24.19 -22.50
N ILE D 186 -6.19 22.97 -22.14
CA ILE D 186 -6.41 21.92 -23.12
C ILE D 186 -7.45 22.41 -24.13
N ALA D 187 -8.54 23.02 -23.65
CA ALA D 187 -9.61 23.48 -24.54
C ALA D 187 -9.06 24.53 -25.55
N LYS D 188 -8.30 25.48 -25.04
CA LYS D 188 -7.63 26.48 -25.90
C LYS D 188 -6.59 25.92 -26.91
N LYS D 189 -5.78 24.97 -26.48
CA LYS D 189 -4.76 24.42 -27.37
C LYS D 189 -5.41 23.45 -28.38
N ASN D 190 -6.62 22.96 -28.11
CA ASN D 190 -7.31 22.00 -29.01
C ASN D 190 -8.71 22.44 -29.39
N PRO D 191 -8.82 23.57 -30.10
CA PRO D 191 -10.11 24.23 -30.29
C PRO D 191 -11.05 23.46 -31.22
N HIS D 192 -10.46 22.62 -32.05
CA HIS D 192 -11.17 21.76 -33.01
CA HIS D 192 -11.28 21.84 -32.98
C HIS D 192 -11.80 20.55 -32.31
N ARG D 193 -10.98 19.88 -31.52
CA ARG D 193 -11.38 18.61 -30.92
C ARG D 193 -12.24 18.80 -29.67
N CYS D 194 -11.90 19.80 -28.86
CA CYS D 194 -12.48 19.92 -27.56
C CYS D 194 -13.62 20.93 -27.57
N HIS D 195 -14.70 20.62 -26.84
CA HIS D 195 -15.82 21.54 -26.69
C HIS D 195 -16.17 21.67 -25.22
N VAL D 196 -16.02 22.87 -24.68
CA VAL D 196 -16.38 23.13 -23.29
C VAL D 196 -17.87 23.41 -23.25
N ILE D 197 -18.56 22.64 -22.41
CA ILE D 197 -19.99 22.75 -22.20
C ILE D 197 -20.23 23.26 -20.78
N THR D 198 -20.90 24.39 -20.76
CA THR D 198 -21.36 25.02 -19.53
C THR D 198 -22.89 24.94 -19.41
N THR D 203 -32.11 30.68 -20.00
CA THR D 203 -32.53 29.62 -19.09
C THR D 203 -33.74 28.91 -19.70
N TYR D 204 -33.79 27.62 -19.43
CA TYR D 204 -34.76 26.71 -19.97
C TYR D 204 -35.42 26.06 -18.76
N ASP D 205 -36.58 25.46 -18.95
CA ASP D 205 -37.20 24.78 -17.85
C ASP D 205 -36.82 23.30 -17.80
N ILE D 206 -35.52 23.02 -17.70
CA ILE D 206 -35.07 21.65 -17.57
C ILE D 206 -33.87 21.54 -16.64
N ASP D 207 -33.57 20.31 -16.30
CA ASP D 207 -32.40 19.91 -15.52
C ASP D 207 -31.08 20.43 -16.12
N ASP D 208 -30.09 20.67 -15.26
CA ASP D 208 -28.71 20.83 -15.77
C ASP D 208 -28.21 19.60 -16.56
N ILE D 209 -28.54 18.39 -16.08
CA ILE D 209 -28.11 17.17 -16.75
C ILE D 209 -28.66 17.16 -18.18
N ASN D 210 -29.94 17.46 -18.33
CA ASN D 210 -30.57 17.46 -19.65
C ASN D 210 -30.11 18.58 -20.56
N PHE D 211 -29.89 19.76 -19.98
CA PHE D 211 -29.36 20.88 -20.74
C PHE D 211 -28.02 20.49 -21.37
N VAL D 212 -27.14 19.93 -20.53
CA VAL D 212 -25.80 19.58 -20.96
C VAL D 212 -25.91 18.50 -22.04
N HIS D 213 -26.80 17.53 -21.81
CA HIS D 213 -27.04 16.46 -22.78
C HIS D 213 -27.49 16.99 -24.14
N LEU D 214 -28.45 17.92 -24.14
CA LEU D 214 -28.92 18.52 -25.40
C LEU D 214 -27.80 19.30 -26.12
N GLU D 215 -27.00 20.07 -25.36
CA GLU D 215 -25.87 20.77 -25.95
C GLU D 215 -24.89 19.81 -26.61
N VAL D 216 -24.57 18.70 -25.92
CA VAL D 216 -23.71 17.65 -26.47
C VAL D 216 -24.26 17.13 -27.81
N ILE D 217 -25.55 16.83 -27.85
CA ILE D 217 -26.20 16.35 -29.07
C ILE D 217 -26.05 17.40 -30.19
N LYS D 218 -26.31 18.66 -29.85
CA LYS D 218 -26.28 19.75 -30.83
C LYS D 218 -24.88 19.89 -31.44
N VAL D 219 -23.85 19.94 -30.59
CA VAL D 219 -22.46 19.99 -31.06
C VAL D 219 -22.16 18.84 -32.02
N LEU D 220 -22.59 17.63 -31.64
CA LEU D 220 -22.41 16.42 -32.44
C LEU D 220 -23.01 16.53 -33.84
N GLN D 221 -24.09 17.28 -33.97
CA GLN D 221 -24.70 17.49 -35.29
C GLN D 221 -23.99 18.64 -36.03
N MET D 222 -22.65 18.65 -35.98
CA MET D 222 -21.82 19.63 -36.70
C MET D 222 -20.48 18.99 -37.14
S SO4 E . -20.64 -13.63 8.78
O1 SO4 E . -21.56 -14.68 8.35
O2 SO4 E . -21.32 -12.78 9.75
O3 SO4 E . -19.46 -14.24 9.41
O4 SO4 E . -20.21 -12.77 7.69
S SO4 F . 22.25 1.27 13.90
O1 SO4 F . 23.48 1.34 13.11
O2 SO4 F . 22.35 2.21 15.03
O3 SO4 F . 21.06 1.63 13.12
O4 SO4 F . 22.04 -0.07 14.44
C1 EDO G . 9.66 0.96 17.53
O1 EDO G . 9.24 2.21 18.11
C2 EDO G . 11.11 0.70 17.87
O2 EDO G . 11.21 0.35 19.26
S SO4 H . 16.13 -18.32 -11.05
O1 SO4 H . 16.66 -19.55 -10.43
O2 SO4 H . 16.98 -17.88 -12.15
O3 SO4 H . 14.79 -18.55 -11.59
O4 SO4 H . 16.13 -17.25 -10.05
S SO4 I . -18.10 12.38 -12.89
O1 SO4 I . -19.34 12.84 -12.24
O2 SO4 I . -17.68 13.35 -13.92
O3 SO4 I . -16.99 12.26 -11.95
O4 SO4 I . -18.32 11.10 -13.57
C1 EDO J . -6.22 8.26 -16.72
O1 EDO J . -5.54 9.49 -16.99
C2 EDO J . -7.68 8.43 -17.11
O2 EDO J . -7.78 8.63 -18.53
#